data_8VOW
#
_entry.id   8VOW
#
_cell.length_a   1.00
_cell.length_b   1.00
_cell.length_c   1.00
_cell.angle_alpha   90.00
_cell.angle_beta   90.00
_cell.angle_gamma   90.00
#
_symmetry.space_group_name_H-M   'P 1'
#
loop_
_entity.id
_entity.type
_entity.pdbx_description
1 polymer 'ABC-type bacteriocin transporter'
2 non-polymer "ADENOSINE-5'-TRIPHOSPHATE"
3 non-polymer 'MAGNESIUM ION'
4 non-polymer "ADENOSINE-5'-DIPHOSPHATE"
5 non-polymer 'VANADATE ION'
#
_entity_poly.entity_id   1
_entity_poly.type   'polypeptide(L)'
_entity_poly.pdbx_seq_one_letter_code
;MGHHHHHHHHHHSSGHIDDDDKHMTQNMMVKFAGFLKPLKKTVLAIFLASLLYTALGIAGSFYIKFLFDDLIKFEKLNDL
HIISAGFAVIFLLQIFLNYYRSILVTKLGMSIDKSIMMEYYSHVLKLPMNFFNSRKVGEIISRFMDASKIRQAISGATLT
IMIDTIMAVIGGILLYIQNSSLFFISFIIILLYGIIVTVFNKPIQNANRQIMEDNAKLTSALVESVKGIETIKSFGAEEQ
TEKSTRDKIETVMKSSFKEGMLYINLSSLTGIVAGLGGIVILWAGAYNVIKGNMSGGQLLAFNALLAYFLTPVKNLIDLQ
PLIQTAVVASNRLGEILELATEKELREDSDDFVISLKGDIEFRNVDFRYGLRKPVLKNINLTIPKGKTVAIVGESGSGKT
TLAKLLMNFYSPEKGDILINGHSIKNISLELIRKKIAFVSQDVFIFSGTVKENLALGNENVDMDEIIKAAKMANAHDFIE
KLPLKYDTFLNESGANLSEGQKQRLAIARALLKKPDILILDEATSNLDSITENHIKDAIYGLEDDVTVIIIAHRLSTIVN
LDKIYLLKDGEIVESGSHTELIALKGAYFKMWKQTENTLAS
;
_entity_poly.pdbx_strand_id   A,B
#
loop_
_chem_comp.id
_chem_comp.type
_chem_comp.name
_chem_comp.formula
ADP non-polymer ADENOSINE-5'-DIPHOSPHATE 'C10 H15 N5 O10 P2'
ATP non-polymer ADENOSINE-5'-TRIPHOSPHATE 'C10 H16 N5 O13 P3'
MG non-polymer 'MAGNESIUM ION' 'Mg 2'
VO4 non-polymer 'VANADATE ION' 'O4 V -3'
#
# COMPACT_ATOMS: atom_id res chain seq x y z
N PHE A 32 -10.79 -19.37 -11.60
CA PHE A 32 -11.22 -18.41 -12.62
C PHE A 32 -12.44 -18.92 -13.38
N ALA A 33 -12.46 -20.23 -13.62
CA ALA A 33 -13.60 -20.83 -14.33
C ALA A 33 -14.89 -20.68 -13.55
N GLY A 34 -14.83 -20.91 -12.24
CA GLY A 34 -16.04 -20.83 -11.43
C GLY A 34 -16.64 -19.44 -11.36
N PHE A 35 -15.78 -18.40 -11.41
CA PHE A 35 -16.28 -17.04 -11.34
C PHE A 35 -17.12 -16.70 -12.57
N LEU A 36 -16.73 -17.18 -13.74
CA LEU A 36 -17.42 -16.87 -14.99
C LEU A 36 -18.53 -17.85 -15.32
N LYS A 37 -18.75 -18.88 -14.49
CA LYS A 37 -19.81 -19.84 -14.77
C LYS A 37 -21.20 -19.23 -14.81
N PRO A 38 -21.62 -18.39 -13.85
CA PRO A 38 -22.96 -17.79 -13.95
C PRO A 38 -23.16 -16.93 -15.19
N LEU A 39 -22.10 -16.24 -15.65
CA LEU A 39 -22.20 -15.34 -16.80
C LEU A 39 -21.95 -16.15 -18.06
N LYS A 40 -23.01 -16.79 -18.57
CA LYS A 40 -22.93 -17.60 -19.78
C LYS A 40 -23.47 -16.89 -21.01
N LYS A 41 -24.59 -16.17 -20.87
CA LYS A 41 -25.15 -15.44 -22.02
C LYS A 41 -24.20 -14.35 -22.48
N THR A 42 -23.53 -13.67 -21.55
CA THR A 42 -22.58 -12.62 -21.92
C THR A 42 -21.44 -13.18 -22.77
N VAL A 43 -20.89 -14.33 -22.37
CA VAL A 43 -19.79 -14.92 -23.10
C VAL A 43 -20.23 -15.36 -24.50
N LEU A 44 -21.43 -15.96 -24.59
CA LEU A 44 -21.94 -16.37 -25.89
C LEU A 44 -22.17 -15.18 -26.80
N ALA A 45 -22.73 -14.09 -26.27
CA ALA A 45 -22.93 -12.89 -27.06
C ALA A 45 -21.59 -12.33 -27.52
N ILE A 46 -20.59 -12.35 -26.64
CA ILE A 46 -19.25 -11.87 -27.00
C ILE A 46 -18.69 -12.72 -28.14
N PHE A 47 -18.85 -14.04 -28.05
CA PHE A 47 -18.29 -14.92 -29.08
C PHE A 47 -18.97 -14.69 -30.42
N LEU A 48 -20.30 -14.59 -30.44
CA LEU A 48 -21.01 -14.35 -31.69
C LEU A 48 -20.65 -12.99 -32.28
N ALA A 49 -20.58 -11.96 -31.44
CA ALA A 49 -20.20 -10.63 -31.92
C ALA A 49 -18.79 -10.64 -32.50
N SER A 50 -17.86 -11.33 -31.84
CA SER A 50 -16.50 -11.42 -32.36
C SER A 50 -16.45 -12.17 -33.67
N LEU A 51 -17.20 -13.26 -33.79
CA LEU A 51 -17.22 -14.03 -35.03
C LEU A 51 -17.73 -13.18 -36.19
N LEU A 52 -18.84 -12.47 -35.96
CA LEU A 52 -19.40 -11.69 -37.05
C LEU A 52 -18.54 -10.46 -37.35
N TYR A 53 -17.88 -9.91 -36.34
CA TYR A 53 -16.91 -8.84 -36.56
C TYR A 53 -15.76 -9.31 -37.44
N THR A 54 -15.22 -10.49 -37.15
CA THR A 54 -14.15 -11.04 -37.97
C THR A 54 -14.62 -11.29 -39.40
N ALA A 55 -15.85 -11.81 -39.55
CA ALA A 55 -16.39 -12.03 -40.89
C ALA A 55 -16.51 -10.71 -41.65
N LEU A 56 -17.02 -9.67 -41.00
CA LEU A 56 -17.15 -8.37 -41.66
C LEU A 56 -15.80 -7.79 -42.03
N GLY A 57 -14.81 -7.93 -41.14
CA GLY A 57 -13.47 -7.44 -41.46
C GLY A 57 -12.85 -8.15 -42.64
N ILE A 58 -12.99 -9.48 -42.68
CA ILE A 58 -12.46 -10.24 -43.82
C ILE A 58 -13.17 -9.84 -45.10
N ALA A 59 -14.50 -9.66 -45.03
CA ALA A 59 -15.24 -9.25 -46.22
C ALA A 59 -14.79 -7.88 -46.71
N GLY A 60 -14.59 -6.94 -45.79
CA GLY A 60 -14.16 -5.60 -46.16
C GLY A 60 -12.69 -5.51 -46.56
N SER A 61 -11.90 -6.53 -46.25
CA SER A 61 -10.51 -6.53 -46.68
C SER A 61 -10.35 -6.73 -48.19
N PHE A 62 -11.42 -7.06 -48.90
CA PHE A 62 -11.37 -7.26 -50.35
C PHE A 62 -11.47 -5.95 -51.12
N TYR A 63 -11.51 -4.81 -50.44
CA TYR A 63 -11.62 -3.52 -51.11
C TYR A 63 -10.42 -3.26 -52.01
N ILE A 64 -9.22 -3.58 -51.51
CA ILE A 64 -8.02 -3.32 -52.31
C ILE A 64 -7.93 -4.27 -53.50
N LYS A 65 -8.53 -5.46 -53.39
CA LYS A 65 -8.58 -6.35 -54.55
C LYS A 65 -9.58 -5.85 -55.58
N PHE A 66 -10.77 -5.42 -55.13
CA PHE A 66 -11.77 -4.92 -56.06
C PHE A 66 -11.33 -3.60 -56.70
N LEU A 67 -10.46 -2.86 -56.02
CA LEU A 67 -10.03 -1.56 -56.55
C LEU A 67 -9.03 -1.72 -57.69
N PHE A 68 -8.11 -2.67 -57.57
CA PHE A 68 -7.02 -2.82 -58.52
C PHE A 68 -7.28 -3.89 -59.58
N ASP A 69 -8.48 -4.46 -59.61
CA ASP A 69 -8.81 -5.48 -60.60
C ASP A 69 -9.96 -5.10 -61.52
N ASP A 70 -10.99 -4.45 -60.99
CA ASP A 70 -12.16 -4.09 -61.79
C ASP A 70 -12.57 -2.64 -61.61
N LEU A 71 -11.74 -1.81 -60.97
CA LEU A 71 -12.07 -0.40 -60.76
C LEU A 71 -10.96 0.56 -61.14
N ILE A 72 -9.77 0.07 -61.49
CA ILE A 72 -8.67 0.92 -61.92
C ILE A 72 -8.28 0.66 -63.37
N LYS A 73 -8.28 -0.61 -63.79
CA LYS A 73 -7.96 -0.92 -65.18
C LYS A 73 -8.98 -0.31 -66.13
N PHE A 74 -10.26 -0.34 -65.76
CA PHE A 74 -11.31 0.24 -66.55
C PHE A 74 -11.78 1.55 -65.93
N GLU A 75 -12.31 2.43 -66.79
CA GLU A 75 -12.78 3.75 -66.36
C GLU A 75 -14.20 3.60 -65.80
N LYS A 76 -14.27 3.09 -64.57
CA LYS A 76 -15.52 2.90 -63.86
C LYS A 76 -15.58 3.87 -62.69
N LEU A 77 -16.60 4.73 -62.68
CA LEU A 77 -16.72 5.77 -61.66
C LEU A 77 -17.91 5.54 -60.73
N ASN A 78 -19.10 5.35 -61.28
CA ASN A 78 -20.27 5.09 -60.44
C ASN A 78 -20.10 3.81 -59.65
N ASP A 79 -19.56 2.77 -60.29
CA ASP A 79 -19.28 1.52 -59.58
C ASP A 79 -18.25 1.75 -58.48
N LEU A 80 -17.24 2.57 -58.75
CA LEU A 80 -16.24 2.89 -57.73
C LEU A 80 -16.90 3.54 -56.52
N HIS A 81 -17.76 4.54 -56.76
CA HIS A 81 -18.42 5.22 -55.66
C HIS A 81 -19.32 4.27 -54.87
N ILE A 82 -20.07 3.42 -55.59
CA ILE A 82 -20.97 2.48 -54.91
C ILE A 82 -20.18 1.50 -54.07
N ILE A 83 -19.08 0.96 -54.61
CA ILE A 83 -18.28 -0.01 -53.86
C ILE A 83 -17.65 0.65 -52.64
N SER A 84 -17.15 1.88 -52.79
CA SER A 84 -16.55 2.58 -51.66
C SER A 84 -17.58 2.83 -50.56
N ALA A 85 -18.79 3.25 -50.94
CA ALA A 85 -19.83 3.48 -49.94
C ALA A 85 -20.23 2.18 -49.26
N GLY A 86 -20.34 1.09 -50.02
CA GLY A 86 -20.70 -0.19 -49.42
C GLY A 86 -19.66 -0.67 -48.42
N PHE A 87 -18.38 -0.58 -48.80
CA PHE A 87 -17.34 -1.00 -47.87
C PHE A 87 -17.27 -0.07 -46.65
N ALA A 88 -17.55 1.21 -46.83
CA ALA A 88 -17.59 2.12 -45.69
C ALA A 88 -18.70 1.75 -44.71
N VAL A 89 -19.89 1.44 -45.22
CA VAL A 89 -20.97 1.08 -44.30
C VAL A 89 -20.70 -0.28 -43.66
N ILE A 90 -20.07 -1.21 -44.39
CA ILE A 90 -19.66 -2.47 -43.76
C ILE A 90 -18.69 -2.21 -42.62
N PHE A 91 -17.72 -1.32 -42.84
CA PHE A 91 -16.77 -0.99 -41.78
C PHE A 91 -17.45 -0.34 -40.58
N LEU A 92 -18.45 0.52 -40.84
CA LEU A 92 -19.17 1.14 -39.74
C LEU A 92 -19.93 0.11 -38.92
N LEU A 93 -20.59 -0.84 -39.59
CA LEU A 93 -21.23 -1.94 -38.87
C LEU A 93 -20.20 -2.72 -38.06
N GLN A 94 -19.04 -2.97 -38.64
CA GLN A 94 -17.97 -3.69 -37.95
C GLN A 94 -17.53 -2.97 -36.68
N ILE A 95 -17.34 -1.65 -36.77
CA ILE A 95 -16.87 -0.90 -35.62
C ILE A 95 -17.95 -0.81 -34.54
N PHE A 96 -19.22 -0.74 -34.94
CA PHE A 96 -20.28 -0.77 -33.94
C PHE A 96 -20.31 -2.11 -33.20
N LEU A 97 -20.13 -3.20 -33.94
CA LEU A 97 -20.05 -4.51 -33.30
C LEU A 97 -18.85 -4.60 -32.36
N ASN A 98 -17.72 -4.02 -32.76
CA ASN A 98 -16.56 -3.99 -31.89
C ASN A 98 -16.86 -3.22 -30.60
N TYR A 99 -17.59 -2.11 -30.71
CA TYR A 99 -17.96 -1.33 -29.54
C TYR A 99 -18.81 -2.16 -28.58
N TYR A 100 -19.82 -2.85 -29.11
CA TYR A 100 -20.68 -3.68 -28.28
C TYR A 100 -19.88 -4.78 -27.59
N ARG A 101 -19.01 -5.46 -28.34
CA ARG A 101 -18.20 -6.52 -27.78
C ARG A 101 -17.27 -5.99 -26.69
N SER A 102 -16.70 -4.81 -26.91
CA SER A 102 -15.81 -4.21 -25.90
C SER A 102 -16.56 -3.91 -24.61
N ILE A 103 -17.79 -3.40 -24.72
CA ILE A 103 -18.58 -3.13 -23.52
C ILE A 103 -18.82 -4.42 -22.75
N LEU A 104 -19.24 -5.48 -23.45
CA LEU A 104 -19.51 -6.74 -22.76
C LEU A 104 -18.24 -7.30 -22.12
N VAL A 105 -17.12 -7.21 -22.81
CA VAL A 105 -15.85 -7.71 -22.28
C VAL A 105 -15.46 -6.95 -21.01
N THR A 106 -15.63 -5.62 -21.02
CA THR A 106 -15.32 -4.83 -19.84
C THR A 106 -16.18 -5.25 -18.66
N LYS A 107 -17.48 -5.45 -18.88
CA LYS A 107 -18.35 -5.88 -17.79
C LYS A 107 -17.90 -7.22 -17.21
N LEU A 108 -17.59 -8.18 -18.10
CA LEU A 108 -17.16 -9.50 -17.63
C LEU A 108 -15.87 -9.40 -16.81
N GLY A 109 -14.90 -8.65 -17.32
CA GLY A 109 -13.63 -8.54 -16.62
C GLY A 109 -13.76 -7.88 -15.27
N MET A 110 -14.59 -6.84 -15.18
CA MET A 110 -14.76 -6.16 -13.90
C MET A 110 -15.44 -7.07 -12.89
N SER A 111 -16.43 -7.86 -13.33
CA SER A 111 -17.05 -8.81 -12.41
C SER A 111 -16.02 -9.83 -11.90
N ILE A 112 -15.17 -10.35 -12.79
CA ILE A 112 -14.16 -11.31 -12.39
C ILE A 112 -13.20 -10.70 -11.38
N ASP A 113 -12.78 -9.45 -11.62
CA ASP A 113 -11.87 -8.78 -10.69
C ASP A 113 -12.51 -8.60 -9.32
N LYS A 114 -13.78 -8.20 -9.30
CA LYS A 114 -14.49 -8.10 -8.01
C LYS A 114 -14.45 -9.42 -7.27
N SER A 115 -14.79 -10.51 -7.95
CA SER A 115 -14.84 -11.81 -7.27
C SER A 115 -13.48 -12.17 -6.69
N ILE A 116 -12.41 -12.04 -7.50
CA ILE A 116 -11.10 -12.47 -7.02
C ILE A 116 -10.63 -11.61 -5.86
N MET A 117 -10.80 -10.29 -5.95
CA MET A 117 -10.32 -9.41 -4.89
C MET A 117 -11.07 -9.65 -3.58
N MET A 118 -12.40 -9.77 -3.66
CA MET A 118 -13.19 -9.98 -2.45
C MET A 118 -12.85 -11.32 -1.82
N GLU A 119 -12.68 -12.37 -2.64
CA GLU A 119 -12.34 -13.67 -2.09
C GLU A 119 -10.98 -13.63 -1.39
N TYR A 120 -9.99 -12.98 -2.00
CA TYR A 120 -8.68 -12.91 -1.39
C TYR A 120 -8.74 -12.19 -0.05
N TYR A 121 -9.42 -11.05 0.00
CA TYR A 121 -9.50 -10.30 1.26
C TYR A 121 -10.25 -11.08 2.33
N SER A 122 -11.35 -11.74 1.95
CA SER A 122 -12.10 -12.54 2.91
C SER A 122 -11.28 -13.69 3.45
N HIS A 123 -10.39 -14.26 2.63
CA HIS A 123 -9.53 -15.32 3.15
C HIS A 123 -8.43 -14.74 4.05
N VAL A 124 -7.88 -13.58 3.69
CA VAL A 124 -6.85 -12.97 4.53
C VAL A 124 -7.39 -12.68 5.92
N LEU A 125 -8.63 -12.22 6.00
CA LEU A 125 -9.13 -11.93 7.35
C LEU A 125 -9.41 -13.19 8.19
N LYS A 126 -9.05 -14.41 7.76
CA LYS A 126 -9.30 -15.62 8.52
C LYS A 126 -8.05 -16.49 8.64
N LEU A 127 -6.90 -15.87 8.81
CA LEU A 127 -5.66 -16.61 8.94
C LEU A 127 -5.24 -16.73 10.39
N PRO A 128 -4.48 -17.77 10.75
CA PRO A 128 -4.05 -17.92 12.14
C PRO A 128 -3.16 -16.76 12.57
N MET A 129 -3.20 -16.46 13.87
CA MET A 129 -2.48 -15.31 14.40
C MET A 129 -0.97 -15.46 14.28
N ASN A 130 -0.45 -16.68 14.18
CA ASN A 130 0.98 -16.86 14.00
C ASN A 130 1.44 -16.40 12.62
N PHE A 131 0.53 -16.24 11.68
CA PHE A 131 0.89 -15.71 10.37
C PHE A 131 1.15 -14.21 10.43
N PHE A 132 0.33 -13.48 11.19
CA PHE A 132 0.47 -12.03 11.25
C PHE A 132 1.68 -11.60 12.07
N ASN A 133 2.16 -12.45 12.97
CA ASN A 133 3.31 -12.09 13.80
C ASN A 133 4.64 -12.28 13.08
N SER A 134 4.66 -13.00 11.96
CA SER A 134 5.88 -13.22 11.19
C SER A 134 5.98 -12.27 10.01
N ARG A 135 4.99 -12.30 9.11
CA ARG A 135 4.99 -11.40 7.98
C ARG A 135 4.69 -9.98 8.42
N LYS A 136 5.12 -9.03 7.60
CA LYS A 136 4.87 -7.62 7.85
C LYS A 136 3.57 -7.18 7.20
N VAL A 137 3.06 -6.04 7.65
CA VAL A 137 1.81 -5.51 7.09
C VAL A 137 1.99 -5.15 5.63
N GLY A 138 3.11 -4.52 5.30
CA GLY A 138 3.32 -4.04 3.95
C GLY A 138 3.29 -5.16 2.91
N GLU A 139 3.79 -6.33 3.27
CA GLU A 139 3.75 -7.46 2.34
C GLU A 139 2.31 -7.80 1.98
N ILE A 140 1.42 -7.90 2.98
CA ILE A 140 0.03 -8.23 2.72
C ILE A 140 -0.65 -7.12 1.94
N ILE A 141 -0.38 -5.86 2.29
CA ILE A 141 -0.99 -4.75 1.58
C ILE A 141 -0.58 -4.74 0.11
N SER A 142 0.71 -4.95 -0.15
CA SER A 142 1.21 -4.96 -1.52
C SER A 142 0.65 -6.14 -2.29
N ARG A 143 0.56 -7.32 -1.67
CA ARG A 143 0.04 -8.47 -2.37
C ARG A 143 -1.45 -8.32 -2.67
N PHE A 144 -2.19 -7.62 -1.80
CA PHE A 144 -3.58 -7.31 -2.11
C PHE A 144 -3.66 -6.33 -3.29
N MET A 145 -2.92 -5.22 -3.22
CA MET A 145 -3.02 -4.19 -4.24
C MET A 145 -2.39 -4.60 -5.56
N ASP A 146 -1.64 -5.70 -5.59
CA ASP A 146 -1.13 -6.24 -6.85
C ASP A 146 -2.23 -6.88 -7.69
N ALA A 147 -3.44 -7.06 -7.14
CA ALA A 147 -4.55 -7.55 -7.94
C ALA A 147 -5.02 -6.52 -8.97
N SER A 148 -4.60 -5.26 -8.82
CA SER A 148 -4.91 -4.27 -9.84
C SER A 148 -4.25 -4.61 -11.16
N LYS A 149 -3.05 -5.19 -11.12
CA LYS A 149 -2.41 -5.65 -12.35
C LYS A 149 -3.22 -6.77 -13.01
N ILE A 150 -3.81 -7.65 -12.20
CA ILE A 150 -4.72 -8.65 -12.74
C ILE A 150 -5.93 -7.98 -13.36
N ARG A 151 -6.44 -6.93 -12.73
CA ARG A 151 -7.60 -6.22 -13.26
C ARG A 151 -7.30 -5.63 -14.63
N GLN A 152 -6.14 -4.99 -14.78
CA GLN A 152 -5.83 -4.29 -16.02
C GLN A 152 -5.36 -5.23 -17.13
N ALA A 153 -4.99 -6.47 -16.79
CA ALA A 153 -4.61 -7.44 -17.80
C ALA A 153 -5.79 -8.20 -18.37
N ILE A 154 -6.98 -8.06 -17.79
CA ILE A 154 -8.18 -8.71 -18.31
C ILE A 154 -9.20 -7.62 -18.64
N SER A 155 -8.71 -6.45 -19.01
CA SER A 155 -9.56 -5.30 -19.28
C SER A 155 -10.23 -5.44 -20.64
N GLY A 156 -10.79 -4.35 -21.15
CA GLY A 156 -11.50 -4.36 -22.41
C GLY A 156 -10.64 -4.38 -23.65
N ALA A 157 -9.31 -4.44 -23.51
CA ALA A 157 -8.41 -4.48 -24.64
C ALA A 157 -7.68 -5.81 -24.78
N THR A 158 -7.05 -6.29 -23.69
CA THR A 158 -6.26 -7.52 -23.78
C THR A 158 -7.15 -8.72 -24.07
N LEU A 159 -8.32 -8.79 -23.44
CA LEU A 159 -9.21 -9.92 -23.67
C LEU A 159 -9.73 -9.92 -25.10
N THR A 160 -10.06 -8.74 -25.63
CA THR A 160 -10.48 -8.66 -27.03
C THR A 160 -9.34 -9.05 -27.97
N ILE A 161 -8.11 -8.68 -27.62
CA ILE A 161 -6.96 -9.07 -28.44
C ILE A 161 -6.79 -10.59 -28.44
N MET A 162 -6.97 -11.22 -27.28
CA MET A 162 -6.91 -12.68 -27.22
C MET A 162 -8.02 -13.31 -28.05
N ILE A 163 -9.22 -12.70 -28.01
CA ILE A 163 -10.32 -13.23 -28.82
C ILE A 163 -10.01 -13.11 -30.31
N ASP A 164 -9.41 -11.98 -30.72
CA ASP A 164 -9.00 -11.83 -32.11
C ASP A 164 -7.97 -12.88 -32.48
N THR A 165 -7.02 -13.15 -31.58
CA THR A 165 -6.01 -14.16 -31.84
C THR A 165 -6.63 -15.54 -32.04
N ILE A 166 -7.58 -15.91 -31.18
CA ILE A 166 -8.18 -17.23 -31.29
C ILE A 166 -9.16 -17.31 -32.46
N MET A 167 -9.71 -16.18 -32.90
CA MET A 167 -10.63 -16.16 -34.03
C MET A 167 -9.95 -15.98 -35.38
N ALA A 168 -8.65 -15.66 -35.39
CA ALA A 168 -7.93 -15.55 -36.65
C ALA A 168 -7.76 -16.87 -37.38
N VAL A 169 -8.26 -17.98 -36.81
CA VAL A 169 -8.15 -19.27 -37.48
C VAL A 169 -8.95 -19.29 -38.78
N ILE A 170 -10.15 -18.67 -38.77
CA ILE A 170 -10.95 -18.61 -39.98
C ILE A 170 -10.25 -17.79 -41.04
N GLY A 171 -9.66 -16.66 -40.65
CA GLY A 171 -8.90 -15.87 -41.60
C GLY A 171 -7.71 -16.64 -42.16
N GLY A 172 -7.03 -17.41 -41.31
CA GLY A 172 -5.95 -18.24 -41.81
C GLY A 172 -6.41 -19.31 -42.79
N ILE A 173 -7.55 -19.93 -42.52
CA ILE A 173 -8.08 -20.94 -43.42
C ILE A 173 -8.40 -20.33 -44.77
N LEU A 174 -9.09 -19.18 -44.77
CA LEU A 174 -9.39 -18.51 -46.02
C LEU A 174 -8.12 -18.06 -46.74
N LEU A 175 -7.11 -17.63 -45.98
CA LEU A 175 -5.87 -17.16 -46.57
C LEU A 175 -5.13 -18.31 -47.24
N TYR A 176 -5.15 -19.48 -46.63
CA TYR A 176 -4.62 -20.68 -47.27
C TYR A 176 -5.41 -21.02 -48.53
N ILE A 177 -6.73 -20.89 -48.47
CA ILE A 177 -7.55 -21.18 -49.65
C ILE A 177 -7.18 -20.27 -50.80
N GLN A 178 -6.89 -18.99 -50.50
CA GLN A 178 -6.48 -18.07 -51.56
C GLN A 178 -5.18 -18.52 -52.22
N ASN A 179 -4.11 -18.62 -51.45
CA ASN A 179 -2.82 -19.07 -51.97
C ASN A 179 -2.10 -19.90 -50.92
N SER A 180 -1.17 -20.72 -51.38
CA SER A 180 -0.50 -21.70 -50.53
C SER A 180 0.90 -21.27 -50.11
N SER A 181 1.73 -20.79 -51.03
CA SER A 181 3.12 -20.49 -50.71
C SER A 181 3.24 -19.33 -49.74
N LEU A 182 2.49 -18.25 -49.98
CA LEU A 182 2.52 -17.12 -49.07
C LEU A 182 1.92 -17.49 -47.72
N PHE A 183 0.92 -18.37 -47.71
CA PHE A 183 0.38 -18.87 -46.45
C PHE A 183 1.43 -19.66 -45.68
N PHE A 184 2.25 -20.44 -46.40
CA PHE A 184 3.33 -21.17 -45.73
C PHE A 184 4.37 -20.21 -45.17
N ILE A 185 4.65 -19.12 -45.88
CA ILE A 185 5.54 -18.10 -45.34
C ILE A 185 4.96 -17.51 -44.06
N SER A 186 3.66 -17.20 -44.06
CA SER A 186 3.03 -16.69 -42.85
C SER A 186 3.05 -17.72 -41.73
N PHE A 187 2.94 -19.01 -42.07
CA PHE A 187 3.02 -20.05 -41.05
C PHE A 187 4.41 -20.13 -40.45
N ILE A 188 5.44 -19.93 -41.27
CA ILE A 188 6.81 -19.85 -40.76
C ILE A 188 6.96 -18.66 -39.82
N ILE A 189 6.32 -17.53 -40.17
CA ILE A 189 6.34 -16.37 -39.28
C ILE A 189 5.67 -16.71 -37.95
N ILE A 190 4.54 -17.41 -38.00
CA ILE A 190 3.84 -17.80 -36.78
C ILE A 190 4.71 -18.74 -35.93
N LEU A 191 5.41 -19.66 -36.58
CA LEU A 191 6.30 -20.57 -35.85
C LEU A 191 7.44 -19.80 -35.18
N LEU A 192 8.01 -18.82 -35.88
CA LEU A 192 9.04 -18.00 -35.27
C LEU A 192 8.49 -17.23 -34.08
N TYR A 193 7.28 -16.69 -34.20
CA TYR A 193 6.60 -16.05 -33.08
C TYR A 193 6.49 -16.99 -31.89
N GLY A 194 6.03 -18.22 -32.14
CA GLY A 194 5.86 -19.18 -31.06
C GLY A 194 7.18 -19.53 -30.39
N ILE A 195 8.23 -19.70 -31.19
CA ILE A 195 9.55 -20.00 -30.62
C ILE A 195 10.02 -18.85 -29.75
N ILE A 196 9.87 -17.62 -30.23
CA ILE A 196 10.30 -16.45 -29.45
C ILE A 196 9.53 -16.37 -28.14
N VAL A 197 8.21 -16.61 -28.18
CA VAL A 197 7.42 -16.57 -26.95
C VAL A 197 7.86 -17.66 -25.98
N THR A 198 8.10 -18.87 -26.50
CA THR A 198 8.46 -19.98 -25.63
C THR A 198 9.82 -19.74 -24.96
N VAL A 199 10.79 -19.21 -25.72
CA VAL A 199 12.11 -18.95 -25.14
C VAL A 199 12.01 -17.90 -24.03
N PHE A 200 11.15 -16.90 -24.21
CA PHE A 200 11.03 -15.79 -23.27
C PHE A 200 9.93 -16.01 -22.24
N ASN A 201 9.67 -17.26 -21.84
CA ASN A 201 8.60 -17.54 -20.90
C ASN A 201 9.05 -17.43 -19.46
N LYS A 202 10.21 -18.01 -19.13
CA LYS A 202 10.70 -18.05 -17.75
C LYS A 202 11.38 -16.76 -17.31
N PRO A 203 12.29 -16.17 -18.09
CA PRO A 203 12.96 -14.95 -17.62
C PRO A 203 12.02 -13.81 -17.29
N ILE A 204 10.95 -13.64 -18.07
CA ILE A 204 9.99 -12.58 -17.79
C ILE A 204 9.31 -12.81 -16.45
N GLN A 205 8.90 -14.05 -16.18
CA GLN A 205 8.30 -14.37 -14.89
C GLN A 205 9.27 -14.13 -13.74
N ASN A 206 10.53 -14.52 -13.92
CA ASN A 206 11.51 -14.33 -12.86
C ASN A 206 11.72 -12.84 -12.57
N ALA A 207 11.86 -12.03 -13.63
CA ALA A 207 12.06 -10.61 -13.43
C ALA A 207 10.85 -9.96 -12.76
N ASN A 208 9.64 -10.33 -13.21
CA ASN A 208 8.44 -9.75 -12.61
C ASN A 208 8.31 -10.14 -11.14
N ARG A 209 8.62 -11.39 -10.80
CA ARG A 209 8.54 -11.83 -9.41
C ARG A 209 9.56 -11.10 -8.56
N GLN A 210 10.78 -10.90 -9.08
CA GLN A 210 11.79 -10.16 -8.33
C GLN A 210 11.35 -8.73 -8.09
N ILE A 211 10.79 -8.08 -9.11
CA ILE A 211 10.30 -6.71 -8.93
C ILE A 211 9.18 -6.66 -7.90
N MET A 212 8.26 -7.63 -7.95
CA MET A 212 7.17 -7.65 -6.99
C MET A 212 7.68 -7.84 -5.57
N GLU A 213 8.66 -8.72 -5.38
CA GLU A 213 9.22 -8.92 -4.05
C GLU A 213 9.91 -7.66 -3.53
N ASP A 214 10.71 -7.02 -4.39
CA ASP A 214 11.39 -5.80 -3.96
C ASP A 214 10.39 -4.68 -3.66
N ASN A 215 9.33 -4.59 -4.45
CA ASN A 215 8.30 -3.59 -4.21
C ASN A 215 7.57 -3.87 -2.90
N ALA A 216 7.34 -5.15 -2.59
CA ALA A 216 6.75 -5.50 -1.30
C ALA A 216 7.65 -5.09 -0.14
N LYS A 217 8.96 -5.30 -0.27
CA LYS A 217 9.89 -4.85 0.76
C LYS A 217 9.81 -3.34 0.93
N LEU A 218 9.79 -2.60 -0.17
CA LEU A 218 9.71 -1.15 -0.09
C LEU A 218 8.42 -0.70 0.57
N THR A 219 7.29 -1.33 0.21
CA THR A 219 6.01 -0.97 0.80
C THR A 219 6.00 -1.23 2.30
N SER A 220 6.54 -2.39 2.72
CA SER A 220 6.57 -2.69 4.15
C SER A 220 7.44 -1.68 4.90
N ALA A 221 8.60 -1.33 4.35
CA ALA A 221 9.46 -0.36 5.00
C ALA A 221 8.78 0.99 5.10
N LEU A 222 8.09 1.42 4.03
CA LEU A 222 7.43 2.72 4.06
C LEU A 222 6.28 2.74 5.06
N VAL A 223 5.50 1.65 5.13
CA VAL A 223 4.41 1.58 6.10
C VAL A 223 4.96 1.65 7.52
N GLU A 224 6.03 0.90 7.80
CA GLU A 224 6.63 0.95 9.13
C GLU A 224 7.13 2.34 9.47
N SER A 225 7.77 3.01 8.50
CA SER A 225 8.28 4.35 8.75
C SER A 225 7.16 5.34 9.01
N VAL A 226 6.07 5.26 8.23
CA VAL A 226 4.98 6.20 8.43
C VAL A 226 4.30 5.96 9.76
N LYS A 227 4.19 4.70 10.18
CA LYS A 227 3.58 4.42 11.47
C LYS A 227 4.49 4.83 12.64
N GLY A 228 5.81 4.80 12.45
CA GLY A 228 6.74 5.23 13.46
C GLY A 228 7.27 6.64 13.32
N ILE A 229 6.66 7.45 12.45
CA ILE A 229 7.10 8.82 12.20
C ILE A 229 7.26 9.63 13.48
N GLU A 230 6.45 9.39 14.50
CA GLU A 230 6.57 10.17 15.72
C GLU A 230 7.91 9.89 16.41
N THR A 231 8.27 8.61 16.56
CA THR A 231 9.57 8.27 17.14
C THR A 231 10.70 8.73 16.23
N ILE A 232 10.51 8.60 14.92
CA ILE A 232 11.55 8.97 13.96
C ILE A 232 11.87 10.46 14.09
N LYS A 233 10.84 11.30 14.15
CA LYS A 233 11.05 12.73 14.28
C LYS A 233 11.56 13.09 15.68
N SER A 234 11.13 12.36 16.71
CA SER A 234 11.59 12.64 18.06
C SER A 234 13.09 12.39 18.19
N PHE A 235 13.58 11.30 17.59
CA PHE A 235 14.99 10.93 17.70
C PHE A 235 15.84 11.40 16.53
N GLY A 236 15.26 12.15 15.60
CA GLY A 236 16.02 12.62 14.44
C GLY A 236 16.51 11.51 13.55
N ALA A 237 15.69 10.48 13.36
CA ALA A 237 16.06 9.33 12.54
C ALA A 237 15.68 9.50 11.08
N GLU A 238 15.58 10.74 10.60
CA GLU A 238 15.22 10.96 9.19
C GLU A 238 16.29 10.41 8.26
N GLU A 239 17.57 10.60 8.61
CA GLU A 239 18.65 10.18 7.72
C GLU A 239 18.70 8.65 7.58
N GLN A 240 18.54 7.92 8.69
CA GLN A 240 18.60 6.47 8.63
C GLN A 240 17.50 5.91 7.73
N THR A 241 16.27 6.36 7.95
CA THR A 241 15.15 5.87 7.15
C THR A 241 15.28 6.31 5.70
N GLU A 242 15.77 7.54 5.47
CA GLU A 242 15.98 8.00 4.10
C GLU A 242 16.99 7.12 3.37
N LYS A 243 18.10 6.79 4.05
CA LYS A 243 19.11 5.94 3.41
C LYS A 243 18.57 4.54 3.16
N SER A 244 17.85 3.96 4.12
CA SER A 244 17.30 2.63 3.93
C SER A 244 16.31 2.60 2.78
N THR A 245 15.42 3.59 2.73
CA THR A 245 14.45 3.65 1.64
C THR A 245 15.12 3.92 0.30
N ARG A 246 16.21 4.70 0.30
CA ARG A 246 16.96 4.91 -0.93
C ARG A 246 17.57 3.62 -1.42
N ASP A 247 18.12 2.80 -0.51
CA ASP A 247 18.67 1.51 -0.92
C ASP A 247 17.58 0.60 -1.47
N LYS A 248 16.41 0.58 -0.83
CA LYS A 248 15.33 -0.27 -1.31
C LYS A 248 14.80 0.20 -2.66
N ILE A 249 14.71 1.52 -2.86
CA ILE A 249 14.30 2.08 -4.14
C ILE A 249 15.34 1.72 -5.20
N GLU A 250 16.62 1.78 -4.85
CA GLU A 250 17.67 1.39 -5.79
C GLU A 250 17.51 -0.07 -6.21
N THR A 251 17.22 -0.95 -5.25
CA THR A 251 17.02 -2.35 -5.60
C THR A 251 15.82 -2.53 -6.52
N VAL A 252 14.72 -1.84 -6.23
CA VAL A 252 13.53 -1.95 -7.08
C VAL A 252 13.84 -1.46 -8.49
N MET A 253 14.54 -0.33 -8.61
CA MET A 253 14.86 0.19 -9.93
C MET A 253 15.84 -0.71 -10.68
N LYS A 254 16.79 -1.32 -9.98
CA LYS A 254 17.68 -2.26 -10.63
C LYS A 254 16.91 -3.44 -11.22
N SER A 255 16.02 -4.04 -10.42
CA SER A 255 15.25 -5.17 -10.93
C SER A 255 14.36 -4.75 -12.10
N SER A 256 13.69 -3.61 -11.98
CA SER A 256 12.77 -3.19 -13.03
C SER A 256 13.51 -2.80 -14.30
N PHE A 257 14.74 -2.28 -14.18
CA PHE A 257 15.55 -1.96 -15.34
C PHE A 257 16.02 -3.24 -16.03
N LYS A 258 16.35 -4.27 -15.25
CA LYS A 258 16.62 -5.58 -15.85
C LYS A 258 15.41 -6.07 -16.63
N GLU A 259 14.21 -5.89 -16.06
CA GLU A 259 12.99 -6.25 -16.78
C GLU A 259 12.81 -5.42 -18.04
N GLY A 260 13.19 -4.14 -17.99
CA GLY A 260 13.07 -3.29 -19.16
C GLY A 260 13.92 -3.75 -20.31
N MET A 261 15.18 -4.10 -20.02
CA MET A 261 16.03 -4.69 -21.06
C MET A 261 15.46 -6.02 -21.54
N LEU A 262 14.94 -6.83 -20.62
CA LEU A 262 14.40 -8.13 -21.01
C LEU A 262 13.20 -7.99 -21.93
N TYR A 263 12.43 -6.92 -21.77
CA TYR A 263 11.33 -6.65 -22.70
C TYR A 263 11.79 -6.00 -24.00
N ILE A 264 12.83 -5.18 -23.95
CA ILE A 264 13.35 -4.57 -25.16
C ILE A 264 13.88 -5.64 -26.11
N ASN A 265 14.55 -6.66 -25.56
CA ASN A 265 15.04 -7.75 -26.40
C ASN A 265 13.90 -8.44 -27.13
N LEU A 266 12.82 -8.77 -26.41
CA LEU A 266 11.68 -9.42 -27.03
C LEU A 266 11.03 -8.53 -28.07
N SER A 267 10.89 -7.24 -27.76
CA SER A 267 10.28 -6.32 -28.72
C SER A 267 11.09 -6.23 -30.00
N SER A 268 12.42 -6.14 -29.88
CA SER A 268 13.26 -6.08 -31.06
C SER A 268 13.18 -7.36 -31.87
N LEU A 269 13.19 -8.52 -31.21
CA LEU A 269 13.08 -9.77 -31.95
C LEU A 269 11.75 -9.88 -32.68
N THR A 270 10.66 -9.51 -32.01
CA THR A 270 9.34 -9.59 -32.63
C THR A 270 9.24 -8.62 -33.81
N GLY A 271 9.79 -7.41 -33.66
CA GLY A 271 9.79 -6.47 -34.77
C GLY A 271 10.60 -6.97 -35.95
N ILE A 272 11.77 -7.57 -35.67
CA ILE A 272 12.58 -8.15 -36.74
C ILE A 272 11.77 -9.20 -37.49
N VAL A 273 11.15 -10.13 -36.75
CA VAL A 273 10.41 -11.20 -37.39
C VAL A 273 9.25 -10.65 -38.20
N ALA A 274 8.50 -9.71 -37.63
CA ALA A 274 7.33 -9.15 -38.32
C ALA A 274 7.73 -8.45 -39.61
N GLY A 275 8.70 -7.54 -39.54
CA GLY A 275 9.08 -6.79 -40.72
C GLY A 275 9.73 -7.67 -41.79
N LEU A 276 10.61 -8.59 -41.38
CA LEU A 276 11.21 -9.48 -42.36
C LEU A 276 10.17 -10.37 -43.00
N GLY A 277 9.20 -10.85 -42.22
CA GLY A 277 8.12 -11.63 -42.80
C GLY A 277 7.31 -10.84 -43.80
N GLY A 278 7.02 -9.57 -43.48
CA GLY A 278 6.30 -8.73 -44.42
C GLY A 278 7.06 -8.52 -45.72
N ILE A 279 8.36 -8.22 -45.61
CA ILE A 279 9.14 -7.99 -46.81
C ILE A 279 9.25 -9.26 -47.65
N VAL A 280 9.46 -10.41 -46.99
CA VAL A 280 9.60 -11.66 -47.73
C VAL A 280 8.27 -12.07 -48.36
N ILE A 281 7.15 -11.83 -47.68
CA ILE A 281 5.87 -12.19 -48.27
C ILE A 281 5.55 -11.29 -49.45
N LEU A 282 5.93 -10.01 -49.37
CA LEU A 282 5.78 -9.13 -50.53
C LEU A 282 6.64 -9.60 -51.69
N TRP A 283 7.90 -9.97 -51.42
CA TRP A 283 8.78 -10.42 -52.48
C TRP A 283 8.27 -11.69 -53.13
N ALA A 284 7.79 -12.64 -52.32
CA ALA A 284 7.29 -13.90 -52.88
C ALA A 284 5.98 -13.68 -53.63
N GLY A 285 5.14 -12.75 -53.17
CA GLY A 285 3.95 -12.41 -53.93
C GLY A 285 4.29 -11.81 -55.28
N ALA A 286 5.30 -10.94 -55.32
CA ALA A 286 5.75 -10.40 -56.59
C ALA A 286 6.28 -11.49 -57.50
N TYR A 287 7.04 -12.44 -56.92
CA TYR A 287 7.53 -13.56 -57.70
C TYR A 287 6.39 -14.40 -58.28
N ASN A 288 5.35 -14.63 -57.49
CA ASN A 288 4.18 -15.34 -58.00
C ASN A 288 3.48 -14.56 -59.10
N VAL A 289 3.40 -13.23 -58.94
CA VAL A 289 2.79 -12.39 -59.98
C VAL A 289 3.57 -12.50 -61.28
N ILE A 290 4.90 -12.49 -61.20
CA ILE A 290 5.71 -12.58 -62.41
C ILE A 290 5.49 -13.90 -63.12
N LYS A 291 5.42 -15.00 -62.37
CA LYS A 291 5.18 -16.31 -62.95
C LYS A 291 3.71 -16.56 -63.29
N GLY A 292 2.84 -15.57 -63.12
CA GLY A 292 1.45 -15.73 -63.46
C GLY A 292 0.69 -16.70 -62.58
N ASN A 293 0.95 -16.69 -61.27
CA ASN A 293 0.20 -17.51 -60.33
C ASN A 293 -1.03 -16.78 -59.80
N MET A 294 -0.84 -15.55 -59.34
CA MET A 294 -1.94 -14.70 -58.91
C MET A 294 -1.99 -13.46 -59.80
N SER A 295 -3.15 -12.80 -59.81
CA SER A 295 -3.25 -11.53 -60.49
C SER A 295 -2.58 -10.44 -59.66
N GLY A 296 -2.41 -9.27 -60.28
CA GLY A 296 -1.73 -8.18 -59.60
C GLY A 296 -2.42 -7.73 -58.34
N GLY A 297 -3.75 -7.76 -58.31
CA GLY A 297 -4.48 -7.30 -57.15
C GLY A 297 -4.58 -8.31 -56.03
N GLN A 298 -4.50 -9.60 -56.34
CA GLN A 298 -4.62 -10.62 -55.30
C GLN A 298 -3.47 -10.56 -54.30
N LEU A 299 -2.30 -10.07 -54.74
CA LEU A 299 -1.22 -9.84 -53.79
C LEU A 299 -1.62 -8.78 -52.75
N LEU A 300 -2.26 -7.71 -53.21
CA LEU A 300 -2.74 -6.68 -52.28
C LEU A 300 -3.83 -7.24 -51.36
N ALA A 301 -4.72 -8.08 -51.90
CA ALA A 301 -5.72 -8.70 -51.05
C ALA A 301 -5.08 -9.58 -49.99
N PHE A 302 -4.05 -10.33 -50.38
CA PHE A 302 -3.32 -11.16 -49.41
C PHE A 302 -2.68 -10.29 -48.34
N ASN A 303 -2.04 -9.19 -48.74
CA ASN A 303 -1.39 -8.31 -47.78
C ASN A 303 -2.40 -7.69 -46.82
N ALA A 304 -3.55 -7.27 -47.33
CA ALA A 304 -4.56 -6.66 -46.47
C ALA A 304 -5.20 -7.68 -45.54
N LEU A 305 -5.46 -8.89 -46.03
CA LEU A 305 -6.03 -9.92 -45.18
C LEU A 305 -5.03 -10.43 -44.16
N LEU A 306 -3.73 -10.25 -44.42
CA LEU A 306 -2.71 -10.62 -43.44
C LEU A 306 -2.85 -9.84 -42.15
N ALA A 307 -3.52 -8.68 -42.18
CA ALA A 307 -3.78 -7.92 -40.96
C ALA A 307 -4.81 -8.58 -40.06
N TYR A 308 -5.51 -9.61 -40.54
CA TYR A 308 -6.44 -10.37 -39.72
C TYR A 308 -5.90 -11.74 -39.36
N PHE A 309 -4.64 -12.01 -39.64
CA PHE A 309 -3.98 -13.26 -39.28
C PHE A 309 -2.68 -13.05 -38.52
N LEU A 310 -1.92 -12.01 -38.85
CA LEU A 310 -0.65 -11.75 -38.18
C LEU A 310 -0.75 -10.65 -37.13
N THR A 311 -1.54 -9.61 -37.38
CA THR A 311 -1.65 -8.51 -36.42
C THR A 311 -2.18 -8.94 -35.06
N PRO A 312 -3.25 -9.75 -34.95
CA PRO A 312 -3.66 -10.20 -33.61
C PRO A 312 -2.58 -10.97 -32.87
N VAL A 313 -1.83 -11.82 -33.58
CA VAL A 313 -0.77 -12.58 -32.93
C VAL A 313 0.35 -11.65 -32.47
N LYS A 314 0.72 -10.68 -33.30
CA LYS A 314 1.76 -9.74 -32.90
C LYS A 314 1.32 -8.89 -31.71
N ASN A 315 0.05 -8.48 -31.69
CA ASN A 315 -0.45 -7.72 -30.55
C ASN A 315 -0.46 -8.56 -29.28
N LEU A 316 -0.85 -9.83 -29.39
CA LEU A 316 -0.81 -10.71 -28.22
C LEU A 316 0.61 -10.89 -27.71
N ILE A 317 1.57 -11.03 -28.62
CA ILE A 317 2.97 -11.15 -28.19
C ILE A 317 3.44 -9.86 -27.53
N ASP A 318 3.05 -8.71 -28.07
CA ASP A 318 3.44 -7.45 -27.47
C ASP A 318 2.83 -7.27 -26.09
N LEU A 319 1.65 -7.82 -25.86
CA LEU A 319 1.01 -7.75 -24.55
C LEU A 319 1.40 -8.91 -23.63
N GLN A 320 2.17 -9.86 -24.13
CA GLN A 320 2.60 -10.99 -23.30
C GLN A 320 3.24 -10.60 -21.97
N PRO A 321 4.11 -9.58 -21.88
CA PRO A 321 4.61 -9.19 -20.55
C PRO A 321 3.51 -8.85 -19.56
N LEU A 322 2.45 -8.20 -20.02
CA LEU A 322 1.32 -7.90 -19.12
C LEU A 322 0.66 -9.18 -18.61
N ILE A 323 0.49 -10.16 -19.50
CA ILE A 323 -0.11 -11.43 -19.09
C ILE A 323 0.80 -12.15 -18.10
N GLN A 324 2.11 -12.06 -18.30
CA GLN A 324 3.05 -12.70 -17.37
C GLN A 324 3.01 -12.01 -16.02
N THR A 325 2.91 -10.68 -15.99
CA THR A 325 2.76 -9.97 -14.72
C THR A 325 1.48 -10.38 -14.00
N ALA A 326 0.38 -10.51 -14.75
CA ALA A 326 -0.87 -10.97 -14.15
C ALA A 326 -0.72 -12.37 -13.60
N VAL A 327 -0.02 -13.24 -14.33
CA VAL A 327 0.19 -14.62 -13.86
C VAL A 327 0.99 -14.63 -12.58
N VAL A 328 2.03 -13.80 -12.50
CA VAL A 328 2.84 -13.74 -11.28
C VAL A 328 2.02 -13.25 -10.10
N ALA A 329 1.20 -12.21 -10.32
CA ALA A 329 0.36 -11.70 -9.25
C ALA A 329 -0.65 -12.75 -8.78
N SER A 330 -1.26 -13.46 -9.72
CA SER A 330 -2.21 -14.51 -9.36
C SER A 330 -1.51 -15.64 -8.62
N ASN A 331 -0.27 -15.95 -8.99
CA ASN A 331 0.48 -16.99 -8.28
C ASN A 331 0.80 -16.56 -6.86
N ARG A 332 1.13 -15.29 -6.65
CA ARG A 332 1.36 -14.81 -5.28
C ARG A 332 0.07 -14.87 -4.46
N LEU A 333 -1.06 -14.47 -5.06
CA LEU A 333 -2.33 -14.57 -4.35
C LEU A 333 -2.66 -16.02 -4.00
N GLY A 334 -2.40 -16.95 -4.93
CA GLY A 334 -2.59 -18.35 -4.63
C GLY A 334 -1.64 -18.87 -3.57
N GLU A 335 -0.42 -18.34 -3.52
CA GLU A 335 0.52 -18.72 -2.47
C GLU A 335 -0.01 -18.31 -1.11
N ILE A 336 -0.60 -17.12 -1.01
CA ILE A 336 -1.25 -16.74 0.26
C ILE A 336 -2.44 -17.65 0.54
N LEU A 337 -3.29 -17.87 -0.47
CA LEU A 337 -4.50 -18.66 -0.27
C LEU A 337 -4.21 -20.12 0.06
N GLU A 338 -2.99 -20.58 -0.22
CA GLU A 338 -2.65 -21.97 0.09
C GLU A 338 -2.64 -22.22 1.59
N LEU A 339 -2.41 -21.19 2.40
CA LEU A 339 -2.32 -21.36 3.84
C LEU A 339 -3.67 -21.80 4.41
N ALA A 340 -3.62 -22.71 5.37
CA ALA A 340 -4.83 -23.16 6.04
C ALA A 340 -5.45 -22.02 6.83
N THR A 341 -6.78 -22.01 6.86
CA THR A 341 -7.51 -20.92 7.51
C THR A 341 -7.32 -20.98 9.02
N GLU A 342 -7.84 -19.97 9.71
CA GLU A 342 -7.71 -19.89 11.15
C GLU A 342 -8.37 -21.07 11.85
N LYS A 343 -9.44 -21.62 11.26
CA LYS A 343 -10.05 -22.83 11.80
C LYS A 343 -9.02 -23.93 11.99
N GLU A 344 -8.41 -24.37 10.88
CA GLU A 344 -7.30 -25.31 10.90
C GLU A 344 -7.61 -26.56 11.73
N LEU A 345 -6.90 -26.73 12.84
CA LEU A 345 -7.05 -27.91 13.69
C LEU A 345 -8.20 -27.67 14.68
N ARG A 346 -9.42 -27.72 14.17
CA ARG A 346 -10.60 -27.62 15.03
C ARG A 346 -11.00 -28.96 15.62
N GLU A 347 -10.77 -30.06 14.90
CA GLU A 347 -10.95 -31.41 15.42
C GLU A 347 -12.41 -31.66 15.83
N ASP A 348 -13.31 -31.52 14.86
CA ASP A 348 -14.69 -31.98 14.99
C ASP A 348 -15.35 -31.43 16.26
N SER A 349 -15.58 -30.12 16.24
CA SER A 349 -15.98 -29.38 17.44
C SER A 349 -17.24 -29.97 18.06
N ASP A 350 -17.53 -29.51 19.28
CA ASP A 350 -18.47 -30.15 20.18
C ASP A 350 -19.55 -29.16 20.61
N ASP A 351 -20.20 -28.55 19.62
CA ASP A 351 -21.10 -27.42 19.83
C ASP A 351 -22.30 -27.76 20.71
N PHE A 352 -22.38 -28.98 21.22
CA PHE A 352 -23.43 -29.34 22.16
C PHE A 352 -23.15 -28.73 23.52
N VAL A 353 -23.00 -27.40 23.57
CA VAL A 353 -22.76 -26.65 24.79
C VAL A 353 -23.57 -25.36 24.71
N ILE A 354 -23.73 -24.71 25.86
CA ILE A 354 -24.55 -23.51 25.97
C ILE A 354 -23.71 -22.28 26.34
N SER A 355 -22.74 -22.44 27.23
CA SER A 355 -21.95 -21.30 27.68
C SER A 355 -20.61 -21.80 28.22
N LEU A 356 -19.67 -20.87 28.36
CA LEU A 356 -18.34 -21.15 28.89
C LEU A 356 -18.28 -20.94 30.40
N LYS A 357 -19.21 -21.55 31.12
CA LYS A 357 -19.29 -21.43 32.57
C LYS A 357 -18.71 -22.68 33.21
N GLY A 358 -17.70 -22.49 34.04
CA GLY A 358 -17.05 -23.63 34.68
C GLY A 358 -15.70 -23.23 35.25
N ASP A 359 -14.82 -24.22 35.34
CA ASP A 359 -13.49 -24.05 35.94
C ASP A 359 -12.43 -24.03 34.84
N ILE A 360 -11.55 -23.03 34.91
CA ILE A 360 -10.36 -23.01 34.06
C ILE A 360 -9.35 -23.99 34.62
N GLU A 361 -8.85 -24.88 33.77
CA GLU A 361 -8.07 -26.03 34.20
C GLU A 361 -6.75 -26.12 33.43
N PHE A 362 -6.01 -25.02 33.41
CA PHE A 362 -4.64 -25.06 32.89
C PHE A 362 -3.86 -26.15 33.60
N ARG A 363 -3.47 -27.20 32.87
CA ARG A 363 -2.75 -28.31 33.48
C ARG A 363 -1.79 -28.89 32.45
N ASN A 364 -0.55 -29.14 32.88
CA ASN A 364 0.49 -29.71 32.02
C ASN A 364 0.63 -28.91 30.73
N VAL A 365 0.60 -27.58 30.86
CA VAL A 365 0.57 -26.68 29.71
C VAL A 365 2.00 -26.20 29.43
N ASP A 366 2.46 -26.42 28.20
CA ASP A 366 3.74 -25.93 27.74
C ASP A 366 3.54 -25.20 26.42
N PHE A 367 4.31 -24.15 26.19
CA PHE A 367 4.22 -23.38 24.96
C PHE A 367 5.56 -22.72 24.67
N ARG A 368 6.05 -22.87 23.44
CA ARG A 368 7.41 -22.50 23.08
C ARG A 368 7.51 -21.49 21.96
N TYR A 369 6.39 -20.96 21.50
CA TYR A 369 6.43 -19.92 20.48
C TYR A 369 7.04 -20.35 19.16
N GLY A 370 7.14 -21.66 18.90
CA GLY A 370 7.70 -22.12 17.64
C GLY A 370 9.17 -21.81 17.47
N LEU A 371 10.01 -22.52 18.23
CA LEU A 371 11.47 -22.51 18.05
C LEU A 371 12.08 -21.15 18.34
N ARG A 372 11.75 -20.58 19.51
CA ARG A 372 12.57 -19.51 20.08
C ARG A 372 13.17 -19.91 21.41
N LYS A 373 12.36 -20.25 22.41
CA LYS A 373 12.76 -20.70 23.73
C LYS A 373 11.52 -21.05 24.54
N PRO A 374 11.61 -21.95 25.51
CA PRO A 374 10.43 -22.25 26.34
C PRO A 374 10.03 -21.04 27.18
N VAL A 375 8.71 -20.87 27.34
CA VAL A 375 8.15 -19.79 28.13
C VAL A 375 7.24 -20.32 29.24
N LEU A 376 6.35 -21.25 28.92
CA LEU A 376 5.47 -21.88 29.89
C LEU A 376 5.96 -23.29 30.16
N LYS A 377 6.23 -23.59 31.42
CA LYS A 377 6.81 -24.87 31.83
C LYS A 377 5.87 -25.57 32.80
N ASN A 378 4.90 -26.32 32.25
CA ASN A 378 4.03 -27.18 33.04
C ASN A 378 3.29 -26.41 34.12
N ILE A 379 2.43 -25.49 33.68
CA ILE A 379 1.64 -24.69 34.61
C ILE A 379 0.38 -25.45 34.98
N ASN A 380 0.12 -25.56 36.28
CA ASN A 380 -1.06 -26.23 36.82
C ASN A 380 -1.80 -25.23 37.70
N LEU A 381 -2.89 -24.66 37.19
CA LEU A 381 -3.70 -23.71 37.95
C LEU A 381 -5.17 -24.03 37.74
N THR A 382 -5.98 -23.65 38.73
CA THR A 382 -7.43 -23.87 38.68
C THR A 382 -8.14 -22.60 39.11
N ILE A 383 -9.25 -22.30 38.43
CA ILE A 383 -10.08 -21.13 38.71
C ILE A 383 -11.48 -21.64 39.03
N PRO A 384 -12.10 -21.21 40.13
CA PRO A 384 -13.42 -21.72 40.48
C PRO A 384 -14.49 -21.26 39.51
N LYS A 385 -15.65 -21.93 39.58
CA LYS A 385 -16.76 -21.67 38.66
C LYS A 385 -17.43 -20.36 39.05
N GLY A 386 -16.80 -19.26 38.63
CA GLY A 386 -17.35 -17.94 38.86
C GLY A 386 -16.70 -17.25 40.04
N LYS A 387 -15.72 -16.40 39.75
CA LYS A 387 -14.95 -15.68 40.76
C LYS A 387 -13.96 -14.79 40.03
N THR A 388 -13.39 -13.85 40.76
CA THR A 388 -12.36 -12.97 40.22
C THR A 388 -11.00 -13.42 40.73
N VAL A 389 -10.07 -13.67 39.81
CA VAL A 389 -8.71 -14.07 40.15
C VAL A 389 -7.75 -13.14 39.41
N ALA A 390 -6.53 -13.05 39.94
CA ALA A 390 -5.52 -12.17 39.39
C ALA A 390 -4.21 -12.92 39.23
N ILE A 391 -3.53 -12.66 38.11
CA ILE A 391 -2.23 -13.27 37.81
C ILE A 391 -1.17 -12.18 37.93
N VAL A 392 -0.20 -12.41 38.81
CA VAL A 392 0.85 -11.44 39.07
C VAL A 392 2.21 -12.10 38.81
N GLY A 393 3.12 -11.34 38.24
CA GLY A 393 4.44 -11.85 37.94
C GLY A 393 5.31 -10.76 37.34
N GLU A 394 6.53 -11.15 37.01
CA GLU A 394 7.49 -10.21 36.45
C GLU A 394 7.09 -9.83 35.03
N SER A 395 7.79 -8.83 34.49
CA SER A 395 7.51 -8.36 33.13
C SER A 395 7.76 -9.46 32.11
N GLY A 396 8.83 -10.23 32.29
CA GLY A 396 9.17 -11.28 31.34
C GLY A 396 8.33 -12.54 31.44
N SER A 397 7.50 -12.65 32.47
CA SER A 397 6.63 -13.82 32.59
C SER A 397 5.61 -13.84 31.47
N GLY A 398 5.14 -15.05 31.15
CA GLY A 398 4.17 -15.21 30.08
C GLY A 398 2.75 -14.94 30.49
N LYS A 399 2.51 -13.81 31.17
CA LYS A 399 1.17 -13.50 31.65
C LYS A 399 0.20 -13.29 30.47
N THR A 400 0.60 -12.49 29.49
CA THR A 400 -0.22 -12.32 28.30
C THR A 400 -0.33 -13.62 27.51
N THR A 401 0.68 -14.48 27.59
CA THR A 401 0.66 -15.74 26.87
C THR A 401 -0.50 -16.62 27.34
N LEU A 402 -0.76 -16.63 28.65
CA LEU A 402 -1.91 -17.37 29.16
C LEU A 402 -3.21 -16.84 28.58
N ALA A 403 -3.35 -15.51 28.50
CA ALA A 403 -4.55 -14.92 27.92
C ALA A 403 -4.71 -15.31 26.46
N LYS A 404 -3.62 -15.27 25.69
CA LYS A 404 -3.70 -15.67 24.29
C LYS A 404 -4.06 -17.14 24.15
N LEU A 405 -3.48 -17.99 25.01
CA LEU A 405 -3.78 -19.41 24.95
C LEU A 405 -5.22 -19.70 25.34
N LEU A 406 -5.82 -18.86 26.20
CA LEU A 406 -7.15 -19.13 26.69
C LEU A 406 -8.24 -18.85 25.67
N MET A 407 -7.93 -18.17 24.56
CA MET A 407 -8.92 -17.86 23.53
C MET A 407 -8.49 -18.38 22.17
N ASN A 408 -7.63 -19.39 22.14
CA ASN A 408 -7.25 -20.12 20.94
C ASN A 408 -6.58 -19.23 19.88
N PHE A 409 -5.97 -18.12 20.29
CA PHE A 409 -5.07 -17.43 19.36
C PHE A 409 -3.88 -18.31 19.00
N TYR A 410 -3.36 -19.04 19.98
CA TYR A 410 -2.33 -20.04 19.79
C TYR A 410 -2.82 -21.37 20.37
N SER A 411 -1.95 -22.38 20.32
CA SER A 411 -2.29 -23.68 20.86
C SER A 411 -1.16 -24.19 21.74
N PRO A 412 -1.46 -24.75 22.91
CA PRO A 412 -0.40 -25.22 23.79
C PRO A 412 0.38 -26.36 23.15
N GLU A 413 1.68 -26.38 23.41
CA GLU A 413 2.53 -27.44 22.88
C GLU A 413 2.21 -28.78 23.54
N LYS A 414 1.83 -28.77 24.82
CA LYS A 414 1.48 -29.98 25.54
C LYS A 414 0.31 -29.70 26.47
N GLY A 415 -0.42 -30.76 26.80
CA GLY A 415 -1.52 -30.65 27.74
C GLY A 415 -2.79 -30.11 27.11
N ASP A 416 -3.74 -29.79 27.99
CA ASP A 416 -5.04 -29.28 27.60
C ASP A 416 -5.38 -28.06 28.46
N ILE A 417 -6.57 -27.50 28.24
CA ILE A 417 -7.05 -26.36 28.99
C ILE A 417 -8.31 -26.69 29.79
N LEU A 418 -9.25 -27.43 29.19
CA LEU A 418 -10.40 -27.99 29.88
C LEU A 418 -11.26 -26.90 30.53
N ILE A 419 -11.85 -26.08 29.66
CA ILE A 419 -12.84 -25.10 30.11
C ILE A 419 -14.10 -25.87 30.51
N ASN A 420 -14.37 -25.91 31.82
CA ASN A 420 -15.51 -26.64 32.38
C ASN A 420 -15.49 -28.12 31.99
N GLY A 421 -14.37 -28.77 32.32
CA GLY A 421 -14.21 -30.19 32.11
C GLY A 421 -14.08 -30.63 30.67
N HIS A 422 -14.34 -29.75 29.70
CA HIS A 422 -14.25 -30.08 28.29
C HIS A 422 -13.10 -29.29 27.67
N SER A 423 -12.32 -29.96 26.83
CA SER A 423 -11.16 -29.34 26.21
C SER A 423 -11.59 -28.15 25.36
N ILE A 424 -10.77 -27.09 25.38
CA ILE A 424 -11.09 -25.88 24.62
C ILE A 424 -11.09 -26.17 23.13
N LYS A 425 -10.32 -27.17 22.69
CA LYS A 425 -10.30 -27.53 21.28
C LYS A 425 -11.66 -28.01 20.81
N ASN A 426 -12.36 -28.78 21.66
CA ASN A 426 -13.67 -29.29 21.29
C ASN A 426 -14.72 -28.18 21.15
N ILE A 427 -14.48 -27.02 21.76
CA ILE A 427 -15.39 -25.88 21.64
C ILE A 427 -15.07 -25.14 20.36
N SER A 428 -16.12 -24.70 19.65
CA SER A 428 -15.93 -23.98 18.41
C SER A 428 -15.27 -22.63 18.66
N LEU A 429 -14.56 -22.13 17.66
CA LEU A 429 -13.86 -20.87 17.79
C LEU A 429 -14.82 -19.70 17.93
N GLU A 430 -15.96 -19.75 17.25
CA GLU A 430 -16.92 -18.65 17.32
C GLU A 430 -17.41 -18.44 18.75
N LEU A 431 -17.76 -19.53 19.44
CA LEU A 431 -18.23 -19.41 20.81
C LEU A 431 -17.14 -18.84 21.71
N ILE A 432 -15.90 -19.27 21.53
CA ILE A 432 -14.79 -18.76 22.35
C ILE A 432 -14.61 -17.26 22.12
N ARG A 433 -14.63 -16.84 20.86
CA ARG A 433 -14.45 -15.42 20.56
C ARG A 433 -15.66 -14.58 20.98
N LYS A 434 -16.83 -15.20 21.11
CA LYS A 434 -18.03 -14.44 21.46
C LYS A 434 -18.24 -14.33 22.98
N LYS A 435 -17.95 -15.39 23.72
CA LYS A 435 -18.24 -15.44 25.15
C LYS A 435 -17.04 -15.11 26.02
N ILE A 436 -15.91 -14.74 25.43
CA ILE A 436 -14.71 -14.37 26.17
C ILE A 436 -14.32 -12.95 25.76
N ALA A 437 -14.26 -12.05 26.73
CA ALA A 437 -13.90 -10.66 26.49
C ALA A 437 -12.45 -10.44 26.84
N PHE A 438 -11.73 -9.71 25.98
CA PHE A 438 -10.31 -9.50 26.10
C PHE A 438 -10.01 -8.01 25.99
N VAL A 439 -9.08 -7.53 26.82
CA VAL A 439 -8.59 -6.16 26.76
C VAL A 439 -7.07 -6.26 26.63
N SER A 440 -6.58 -6.22 25.40
CA SER A 440 -5.15 -6.39 25.16
C SER A 440 -4.37 -5.19 25.68
N GLN A 441 -3.07 -5.40 25.91
CA GLN A 441 -2.21 -4.31 26.35
C GLN A 441 -2.14 -3.20 25.30
N ASP A 442 -2.04 -3.58 24.03
CA ASP A 442 -2.04 -2.62 22.94
C ASP A 442 -3.49 -2.35 22.56
N VAL A 443 -4.04 -1.25 23.04
CA VAL A 443 -5.43 -0.90 22.79
C VAL A 443 -5.54 -0.32 21.39
N PHE A 444 -6.44 -0.87 20.58
CA PHE A 444 -6.63 -0.44 19.20
C PHE A 444 -8.04 0.08 19.00
N ILE A 445 -8.15 1.27 18.44
CA ILE A 445 -9.44 1.87 18.10
C ILE A 445 -9.42 2.24 16.62
N PHE A 446 -10.41 1.75 15.89
CA PHE A 446 -10.51 2.01 14.46
C PHE A 446 -11.03 3.42 14.21
N SER A 447 -10.88 3.86 12.98
CA SER A 447 -11.31 5.21 12.58
C SER A 447 -12.81 5.18 12.33
N GLY A 448 -13.58 5.79 13.23
CA GLY A 448 -15.01 5.82 13.09
C GLY A 448 -15.65 6.46 14.30
N THR A 449 -16.98 6.50 14.26
CA THR A 449 -17.74 7.07 15.37
C THR A 449 -17.59 6.21 16.61
N VAL A 450 -17.74 6.85 17.78
CA VAL A 450 -17.63 6.14 19.05
C VAL A 450 -18.73 5.10 19.18
N LYS A 451 -19.86 5.29 18.49
CA LYS A 451 -20.86 4.25 18.42
C LYS A 451 -20.30 2.99 17.77
N GLU A 452 -19.53 3.15 16.69
CA GLU A 452 -18.97 2.01 15.99
C GLU A 452 -17.89 1.33 16.83
N ASN A 453 -17.11 2.11 17.58
CA ASN A 453 -16.02 1.53 18.35
C ASN A 453 -16.54 0.76 19.55
N LEU A 454 -17.51 1.33 20.27
CA LEU A 454 -18.07 0.64 21.42
C LEU A 454 -18.94 -0.54 21.02
N ALA A 455 -19.30 -0.65 19.74
CA ALA A 455 -20.08 -1.78 19.21
C ALA A 455 -19.33 -2.30 18.00
N LEU A 456 -18.36 -3.19 18.24
CA LEU A 456 -17.49 -3.69 17.19
C LEU A 456 -18.06 -4.96 16.56
N GLY A 457 -18.26 -6.00 17.37
CA GLY A 457 -18.78 -7.25 16.86
C GLY A 457 -20.28 -7.40 17.08
N ASN A 458 -20.89 -6.43 17.76
CA ASN A 458 -22.30 -6.53 18.11
C ASN A 458 -23.18 -6.15 16.91
N GLU A 459 -23.07 -4.92 16.44
CA GLU A 459 -23.75 -4.38 15.26
C GLU A 459 -25.26 -4.24 15.46
N ASN A 460 -25.81 -4.65 16.60
CA ASN A 460 -27.25 -4.55 16.83
C ASN A 460 -27.61 -4.09 18.24
N VAL A 461 -26.64 -3.65 19.04
CA VAL A 461 -26.93 -3.22 20.40
C VAL A 461 -27.53 -1.82 20.38
N ASP A 462 -28.60 -1.63 21.16
CA ASP A 462 -29.25 -0.34 21.25
C ASP A 462 -28.40 0.65 22.05
N MET A 463 -28.92 1.87 22.21
CA MET A 463 -28.11 2.92 22.81
C MET A 463 -28.01 2.76 24.32
N ASP A 464 -29.08 2.29 24.96
CA ASP A 464 -29.11 2.24 26.42
C ASP A 464 -27.97 1.38 26.97
N GLU A 465 -27.71 0.24 26.34
CA GLU A 465 -26.56 -0.57 26.75
C GLU A 465 -25.25 0.17 26.52
N ILE A 466 -25.18 1.01 25.47
CA ILE A 466 -23.96 1.77 25.22
C ILE A 466 -23.69 2.72 26.38
N ILE A 467 -24.70 3.50 26.79
CA ILE A 467 -24.49 4.38 27.94
C ILE A 467 -24.21 3.58 29.21
N LYS A 468 -24.87 2.44 29.38
CA LYS A 468 -24.62 1.62 30.57
C LYS A 468 -23.17 1.18 30.64
N ALA A 469 -22.63 0.69 29.51
CA ALA A 469 -21.24 0.25 29.48
C ALA A 469 -20.29 1.42 29.65
N ALA A 470 -20.58 2.57 29.03
CA ALA A 470 -19.70 3.72 29.16
C ALA A 470 -19.65 4.21 30.59
N LYS A 471 -20.79 4.23 31.28
CA LYS A 471 -20.81 4.65 32.68
C LYS A 471 -20.17 3.61 33.58
N MET A 472 -20.28 2.32 33.23
CA MET A 472 -19.64 1.29 34.02
C MET A 472 -18.13 1.41 34.00
N ALA A 473 -17.57 1.75 32.84
CA ALA A 473 -16.12 1.88 32.68
C ALA A 473 -15.63 3.32 32.82
N ASN A 474 -16.48 4.21 33.33
CA ASN A 474 -16.13 5.63 33.50
C ASN A 474 -15.70 6.26 32.18
N ALA A 475 -16.35 5.88 31.09
CA ALA A 475 -16.06 6.42 29.77
C ALA A 475 -17.16 7.34 29.27
N HIS A 476 -18.02 7.83 30.15
CA HIS A 476 -19.13 8.69 29.76
C HIS A 476 -18.82 10.17 29.99
N ASP A 477 -18.08 10.48 31.05
CA ASP A 477 -17.83 11.87 31.41
C ASP A 477 -17.05 12.61 30.32
N PHE A 478 -16.02 11.98 29.78
CA PHE A 478 -15.26 12.64 28.72
C PHE A 478 -16.01 12.64 27.41
N ILE A 479 -16.72 11.55 27.10
CA ILE A 479 -17.40 11.47 25.83
C ILE A 479 -18.56 12.46 25.76
N GLU A 480 -19.09 12.87 26.90
CA GLU A 480 -20.10 13.93 26.89
C GLU A 480 -19.46 15.29 26.56
N LYS A 481 -18.28 15.56 27.10
CA LYS A 481 -17.61 16.84 26.90
C LYS A 481 -16.74 16.80 25.65
N LEU A 482 -17.43 16.69 24.52
CA LEU A 482 -16.81 16.65 23.20
C LEU A 482 -17.66 17.49 22.26
N PRO A 483 -17.11 17.89 21.10
CA PRO A 483 -17.92 18.67 20.15
C PRO A 483 -19.22 17.99 19.76
N LEU A 484 -19.19 16.67 19.60
CA LEU A 484 -20.39 15.86 19.47
C LEU A 484 -20.45 14.90 20.67
N LYS A 485 -21.46 14.05 20.68
CA LYS A 485 -21.66 13.09 21.76
C LYS A 485 -21.95 11.73 21.15
N TYR A 486 -21.01 10.79 21.31
CA TYR A 486 -21.07 9.45 20.74
C TYR A 486 -21.10 9.47 19.22
N ASP A 487 -20.78 10.60 18.59
CA ASP A 487 -20.76 10.71 17.14
C ASP A 487 -19.47 11.33 16.62
N THR A 488 -18.54 11.69 17.51
CA THR A 488 -17.30 12.32 17.08
C THR A 488 -16.44 11.33 16.31
N PHE A 489 -15.60 11.85 15.42
CA PHE A 489 -14.72 11.04 14.60
C PHE A 489 -13.38 10.84 15.29
N LEU A 490 -12.81 9.65 15.13
CA LEU A 490 -11.51 9.31 15.70
C LEU A 490 -10.55 8.99 14.56
N ASN A 491 -9.37 9.61 14.59
CA ASN A 491 -8.41 9.51 13.50
C ASN A 491 -7.54 8.27 13.67
N GLU A 492 -7.49 7.44 12.63
CA GLU A 492 -6.61 6.28 12.56
C GLU A 492 -6.72 5.39 13.80
N SER A 493 -5.61 5.16 14.48
CA SER A 493 -5.59 4.31 15.67
C SER A 493 -5.99 5.08 16.92
N GLY A 494 -7.14 5.74 16.87
CA GLY A 494 -7.60 6.54 17.99
C GLY A 494 -6.68 7.68 18.35
N ALA A 495 -6.02 8.28 17.37
CA ALA A 495 -5.15 9.43 17.63
C ALA A 495 -5.91 10.65 18.10
N ASN A 496 -7.23 10.67 17.93
CA ASN A 496 -8.05 11.78 18.39
C ASN A 496 -8.13 11.87 19.91
N LEU A 497 -7.66 10.85 20.62
CA LEU A 497 -7.71 10.81 22.07
C LEU A 497 -6.34 10.43 22.61
N SER A 498 -6.22 10.43 23.94
CA SER A 498 -4.98 10.10 24.61
C SER A 498 -4.95 8.63 25.02
N GLU A 499 -3.81 8.19 25.54
CA GLU A 499 -3.60 6.77 25.79
C GLU A 499 -4.54 6.24 26.87
N GLY A 500 -4.66 6.96 27.99
CA GLY A 500 -5.63 6.57 29.00
C GLY A 500 -7.05 6.63 28.48
N GLN A 501 -7.33 7.59 27.61
CA GLN A 501 -8.65 7.70 27.02
C GLN A 501 -8.95 6.47 26.15
N LYS A 502 -7.96 6.08 25.35
CA LYS A 502 -8.09 4.88 24.52
C LYS A 502 -8.29 3.64 25.39
N GLN A 503 -7.56 3.55 26.51
CA GLN A 503 -7.72 2.43 27.41
C GLN A 503 -9.12 2.37 28.00
N ARG A 504 -9.66 3.53 28.39
CA ARG A 504 -11.03 3.57 28.92
C ARG A 504 -12.03 3.14 27.87
N LEU A 505 -11.89 3.62 26.63
CA LEU A 505 -12.81 3.18 25.57
C LEU A 505 -12.70 1.67 25.33
N ALA A 506 -11.48 1.15 25.30
CA ALA A 506 -11.29 -0.27 25.02
C ALA A 506 -11.88 -1.13 26.14
N ILE A 507 -11.68 -0.74 27.39
CA ILE A 507 -12.24 -1.51 28.49
C ILE A 507 -13.76 -1.37 28.52
N ALA A 508 -14.29 -0.24 28.06
CA ALA A 508 -15.74 -0.10 27.94
C ALA A 508 -16.29 -1.04 26.86
N ARG A 509 -15.57 -1.19 25.75
CA ARG A 509 -16.04 -2.04 24.67
C ARG A 509 -16.18 -3.50 25.10
N ALA A 510 -15.18 -4.00 25.83
CA ALA A 510 -15.18 -5.42 26.19
C ALA A 510 -16.31 -5.76 27.15
N LEU A 511 -16.81 -4.79 27.89
CA LEU A 511 -17.90 -5.07 28.84
C LEU A 511 -19.20 -5.39 28.12
N LEU A 512 -19.38 -4.90 26.90
CA LEU A 512 -20.66 -5.04 26.21
C LEU A 512 -20.91 -6.46 25.71
N LYS A 513 -19.88 -7.29 25.60
CA LYS A 513 -20.07 -8.63 25.09
C LYS A 513 -20.89 -9.51 26.03
N LYS A 514 -21.11 -9.09 27.27
CA LYS A 514 -21.74 -9.90 28.30
C LYS A 514 -21.05 -11.27 28.39
N PRO A 515 -19.76 -11.30 28.71
CA PRO A 515 -18.97 -12.51 28.55
C PRO A 515 -19.06 -13.43 29.76
N ASP A 516 -18.59 -14.66 29.56
CA ASP A 516 -18.41 -15.61 30.65
C ASP A 516 -17.04 -15.49 31.29
N ILE A 517 -16.01 -15.16 30.50
CA ILE A 517 -14.66 -14.97 31.00
C ILE A 517 -14.18 -13.60 30.54
N LEU A 518 -13.86 -12.73 31.49
CA LEU A 518 -13.33 -11.40 31.23
C LEU A 518 -11.85 -11.39 31.59
N ILE A 519 -10.99 -11.35 30.57
CA ILE A 519 -9.55 -11.35 30.78
C ILE A 519 -9.12 -9.88 30.74
N LEU A 520 -9.09 -9.26 31.91
CA LEU A 520 -8.70 -7.86 32.05
C LEU A 520 -7.17 -7.83 32.07
N ASP A 521 -6.57 -7.71 30.88
CA ASP A 521 -5.13 -7.83 30.72
C ASP A 521 -4.51 -6.43 30.77
N GLU A 522 -4.10 -6.03 31.98
CA GLU A 522 -3.43 -4.76 32.20
C GLU A 522 -4.25 -3.59 31.68
N ALA A 523 -5.56 -3.64 31.91
CA ALA A 523 -6.47 -2.56 31.55
C ALA A 523 -6.52 -1.47 32.60
N THR A 524 -5.51 -1.41 33.48
CA THR A 524 -5.49 -0.45 34.58
C THR A 524 -4.14 0.27 34.67
N SER A 525 -3.38 0.32 33.58
CA SER A 525 -2.03 0.87 33.63
C SER A 525 -2.04 2.39 33.53
N ASN A 526 -2.59 2.93 32.45
CA ASN A 526 -2.55 4.36 32.21
C ASN A 526 -3.60 5.14 32.99
N LEU A 527 -4.50 4.47 33.69
CA LEU A 527 -5.56 5.16 34.42
C LEU A 527 -4.99 5.85 35.66
N ASP A 528 -5.50 7.05 35.94
CA ASP A 528 -5.07 7.79 37.12
C ASP A 528 -5.73 7.23 38.38
N SER A 529 -5.38 7.82 39.52
CA SER A 529 -5.76 7.24 40.81
C SER A 529 -7.27 7.23 40.99
N ILE A 530 -7.94 8.37 40.76
CA ILE A 530 -9.39 8.43 40.95
C ILE A 530 -10.10 7.52 39.95
N THR A 531 -9.67 7.55 38.69
CA THR A 531 -10.27 6.66 37.69
C THR A 531 -9.98 5.20 38.01
N GLU A 532 -8.76 4.92 38.47
CA GLU A 532 -8.41 3.55 38.83
C GLU A 532 -9.31 3.03 39.94
N ASN A 533 -9.49 3.83 41.00
CA ASN A 533 -10.33 3.41 42.11
C ASN A 533 -11.78 3.23 41.67
N HIS A 534 -12.30 4.18 40.88
CA HIS A 534 -13.68 4.07 40.42
C HIS A 534 -13.89 2.82 39.59
N ILE A 535 -12.99 2.57 38.63
CA ILE A 535 -13.18 1.44 37.73
C ILE A 535 -12.95 0.12 38.47
N LYS A 536 -12.03 0.11 39.45
CA LYS A 536 -11.82 -1.09 40.25
C LYS A 536 -13.05 -1.42 41.08
N ASP A 537 -13.67 -0.39 41.68
CA ASP A 537 -14.93 -0.61 42.40
C ASP A 537 -16.02 -1.08 41.45
N ALA A 538 -16.00 -0.61 40.21
CA ALA A 538 -17.01 -1.04 39.23
C ALA A 538 -16.80 -2.50 38.80
N ILE A 539 -15.55 -2.96 38.75
CA ILE A 539 -15.27 -4.29 38.21
C ILE A 539 -15.88 -5.37 39.07
N TYR A 540 -15.76 -5.26 40.40
CA TYR A 540 -16.29 -6.30 41.27
C TYR A 540 -17.81 -6.32 41.33
N GLY A 541 -18.51 -5.49 40.56
CA GLY A 541 -19.95 -5.49 40.49
C GLY A 541 -20.54 -6.14 39.25
N LEU A 542 -19.73 -6.81 38.44
CA LEU A 542 -20.21 -7.41 37.19
C LEU A 542 -21.03 -8.65 37.49
N GLU A 543 -22.35 -8.49 37.54
CA GLU A 543 -23.30 -9.59 37.67
C GLU A 543 -22.92 -10.54 38.81
N ASP A 544 -23.17 -11.83 38.60
CA ASP A 544 -22.78 -12.86 39.56
C ASP A 544 -22.12 -14.08 38.93
N ASP A 545 -22.24 -14.20 37.62
CA ASP A 545 -21.70 -15.35 36.91
C ASP A 545 -20.73 -14.93 35.84
N VAL A 546 -19.49 -14.67 36.22
CA VAL A 546 -18.44 -14.30 35.30
C VAL A 546 -17.10 -14.54 35.98
N THR A 547 -16.16 -15.13 35.26
CA THR A 547 -14.80 -15.37 35.78
C THR A 547 -13.92 -14.24 35.26
N VAL A 548 -13.44 -13.41 36.17
CA VAL A 548 -12.61 -12.28 35.79
C VAL A 548 -11.16 -12.58 36.13
N ILE A 549 -10.32 -12.65 35.11
CA ILE A 549 -8.89 -12.90 35.26
C ILE A 549 -8.19 -11.57 35.06
N ILE A 550 -7.67 -11.00 36.15
CA ILE A 550 -7.04 -9.69 36.11
C ILE A 550 -5.54 -9.91 35.97
N ILE A 551 -5.01 -9.77 34.77
CA ILE A 551 -3.59 -9.90 34.50
C ILE A 551 -3.01 -8.51 34.69
N ALA A 552 -2.56 -8.22 35.90
CA ALA A 552 -2.08 -6.89 36.22
C ALA A 552 -1.09 -6.97 37.38
N HIS A 553 -0.24 -5.96 37.47
CA HIS A 553 0.74 -5.83 38.53
C HIS A 553 0.76 -4.40 39.08
N ARG A 554 -0.41 -3.75 39.10
CA ARG A 554 -0.54 -2.46 39.79
C ARG A 554 -0.29 -2.61 41.27
N LEU A 555 -0.84 -3.68 41.87
CA LEU A 555 -0.74 -4.03 43.29
C LEU A 555 -1.56 -3.08 44.14
N SER A 556 -2.10 -2.01 43.54
CA SER A 556 -3.11 -1.22 44.23
C SER A 556 -4.41 -1.99 44.32
N THR A 557 -4.79 -2.66 43.23
CA THR A 557 -5.85 -3.66 43.24
C THR A 557 -5.26 -4.97 43.75
N ILE A 558 -6.00 -6.07 43.56
CA ILE A 558 -5.56 -7.40 43.94
C ILE A 558 -5.29 -7.44 45.44
N VAL A 559 -6.27 -7.00 46.23
CA VAL A 559 -6.17 -7.07 47.68
C VAL A 559 -7.36 -7.76 48.33
N ASN A 560 -8.51 -7.84 47.67
CA ASN A 560 -9.68 -8.52 48.22
C ASN A 560 -10.12 -9.64 47.30
N LEU A 561 -9.16 -10.42 46.83
CA LEU A 561 -9.39 -11.44 45.81
C LEU A 561 -9.37 -12.84 46.43
N ASP A 562 -9.93 -13.79 45.69
CA ASP A 562 -10.01 -15.18 46.15
C ASP A 562 -8.69 -15.92 46.02
N LYS A 563 -7.96 -15.71 44.93
CA LYS A 563 -6.70 -16.39 44.72
C LYS A 563 -5.79 -15.53 43.85
N ILE A 564 -4.50 -15.55 44.15
CA ILE A 564 -3.49 -14.82 43.39
C ILE A 564 -2.45 -15.83 42.90
N TYR A 565 -2.13 -15.78 41.62
CA TYR A 565 -1.19 -16.72 41.04
C TYR A 565 0.11 -16.06 40.66
N LEU A 566 1.22 -16.41 41.31
CA LEU A 566 2.54 -15.86 41.06
C LEU A 566 3.37 -16.88 40.29
N LEU A 567 4.02 -16.43 39.23
CA LEU A 567 4.79 -17.30 38.35
C LEU A 567 6.21 -16.77 38.19
N LYS A 568 7.18 -17.68 38.29
CA LYS A 568 8.59 -17.31 38.16
C LYS A 568 9.06 -17.48 36.71
N ASP A 569 8.31 -16.85 35.80
CA ASP A 569 8.62 -16.77 34.38
C ASP A 569 8.52 -18.11 33.67
N GLY A 570 8.33 -19.20 34.43
CA GLY A 570 8.19 -20.50 33.83
C GLY A 570 6.96 -21.28 34.26
N GLU A 571 6.49 -21.02 35.47
CA GLU A 571 5.40 -21.81 36.04
C GLU A 571 4.94 -21.15 37.33
N ILE A 572 3.75 -21.56 37.78
CA ILE A 572 3.18 -21.02 39.01
C ILE A 572 4.00 -21.52 40.20
N VAL A 573 4.39 -20.58 41.08
CA VAL A 573 5.18 -20.90 42.26
C VAL A 573 4.40 -20.63 43.55
N GLU A 574 3.64 -19.54 43.60
CA GLU A 574 2.90 -19.15 44.80
C GLU A 574 1.42 -19.03 44.45
N SER A 575 0.58 -19.63 45.29
CA SER A 575 -0.87 -19.59 45.11
C SER A 575 -1.54 -19.25 46.44
N GLY A 576 -2.72 -18.65 46.35
CA GLY A 576 -3.48 -18.25 47.51
C GLY A 576 -3.98 -16.83 47.39
N SER A 577 -4.65 -16.38 48.45
CA SER A 577 -5.20 -15.04 48.49
C SER A 577 -4.12 -14.04 48.90
N HIS A 578 -4.52 -12.78 49.06
CA HIS A 578 -3.57 -11.75 49.46
C HIS A 578 -3.03 -12.00 50.86
N THR A 579 -3.91 -12.35 51.80
CA THR A 579 -3.46 -12.61 53.17
C THR A 579 -2.56 -13.84 53.24
N GLU A 580 -2.91 -14.89 52.49
CA GLU A 580 -2.07 -16.08 52.48
C GLU A 580 -0.69 -15.79 51.88
N LEU A 581 -0.65 -14.99 50.82
CA LEU A 581 0.63 -14.67 50.19
C LEU A 581 1.49 -13.78 51.07
N ILE A 582 0.87 -12.80 51.74
CA ILE A 582 1.64 -11.92 52.60
C ILE A 582 2.06 -12.61 53.89
N ALA A 583 1.34 -13.67 54.29
CA ALA A 583 1.72 -14.43 55.47
C ALA A 583 3.09 -15.08 55.30
N LEU A 584 3.35 -15.63 54.12
CA LEU A 584 4.64 -16.26 53.83
C LEU A 584 5.57 -15.20 53.26
N LYS A 585 6.76 -15.09 53.85
CA LYS A 585 7.74 -14.08 53.44
C LYS A 585 8.50 -14.60 52.22
N GLY A 586 7.83 -14.55 51.07
CA GLY A 586 8.43 -15.02 49.84
C GLY A 586 8.58 -13.92 48.80
N ALA A 587 8.43 -14.30 47.52
CA ALA A 587 8.56 -13.33 46.44
C ALA A 587 7.45 -12.29 46.49
N TYR A 588 6.22 -12.71 46.83
CA TYR A 588 5.11 -11.77 46.90
C TYR A 588 5.34 -10.72 47.98
N PHE A 589 5.92 -11.13 49.12
CA PHE A 589 6.27 -10.16 50.15
C PHE A 589 7.29 -9.17 49.61
N LYS A 590 8.30 -9.66 48.89
CA LYS A 590 9.36 -8.80 48.38
C LYS A 590 8.79 -7.78 47.40
N MET A 591 7.86 -8.21 46.54
CA MET A 591 7.21 -7.28 45.62
C MET A 591 6.29 -6.31 46.35
N TRP A 592 5.62 -6.79 47.40
CA TRP A 592 4.63 -5.98 48.10
C TRP A 592 5.24 -4.91 48.99
N LYS A 593 6.38 -5.23 49.62
CA LYS A 593 6.96 -4.29 50.59
C LYS A 593 7.38 -2.98 49.91
N GLN A 594 7.99 -3.06 48.73
CA GLN A 594 8.46 -1.86 48.06
C GLN A 594 7.31 -1.07 47.42
N THR A 595 6.20 -1.71 47.12
CA THR A 595 5.07 -1.00 46.54
C THR A 595 4.36 -0.12 47.57
N GLU A 596 4.33 -0.57 48.83
CA GLU A 596 3.62 0.19 49.86
C GLU A 596 4.28 1.55 50.10
N ASN A 597 5.61 1.59 50.15
CA ASN A 597 6.32 2.85 50.37
C ASN A 597 6.48 3.63 49.08
N PHE B 32 8.38 23.14 -14.96
CA PHE B 32 7.82 21.82 -15.26
C PHE B 32 8.43 20.75 -14.38
N ALA B 33 9.55 20.17 -14.84
CA ALA B 33 10.24 19.13 -14.09
C ALA B 33 11.66 19.51 -13.73
N GLY B 34 12.43 20.03 -14.68
CA GLY B 34 13.82 20.36 -14.43
C GLY B 34 14.73 19.14 -14.45
N PHE B 35 14.62 18.36 -15.51
CA PHE B 35 15.38 17.12 -15.65
C PHE B 35 16.37 17.13 -16.80
N LEU B 36 16.27 18.09 -17.72
CA LEU B 36 17.14 18.10 -18.89
C LEU B 36 18.57 18.49 -18.56
N LYS B 37 18.79 19.12 -17.40
CA LYS B 37 20.12 19.63 -17.08
C LYS B 37 21.19 18.55 -17.02
N PRO B 38 21.01 17.42 -16.28
CA PRO B 38 22.08 16.42 -16.24
C PRO B 38 22.13 15.50 -17.46
N LEU B 39 20.97 15.17 -18.02
CA LEU B 39 20.87 14.23 -19.13
C LEU B 39 20.69 15.01 -20.44
N LYS B 40 21.78 15.18 -21.17
CA LYS B 40 21.72 15.84 -22.47
C LYS B 40 22.33 15.00 -23.59
N LYS B 41 23.43 14.30 -23.33
CA LYS B 41 24.04 13.47 -24.36
C LYS B 41 23.12 12.31 -24.75
N THR B 42 22.48 11.69 -23.77
CA THR B 42 21.51 10.64 -24.06
C THR B 42 20.35 11.19 -24.87
N VAL B 43 19.89 12.40 -24.54
CA VAL B 43 18.80 13.01 -25.30
C VAL B 43 19.21 13.24 -26.75
N LEU B 44 20.43 13.74 -26.96
CA LEU B 44 20.91 13.97 -28.32
C LEU B 44 21.03 12.66 -29.09
N ALA B 45 21.53 11.61 -28.43
CA ALA B 45 21.63 10.31 -29.09
C ALA B 45 20.26 9.77 -29.46
N ILE B 46 19.28 9.90 -28.56
CA ILE B 46 17.93 9.47 -28.87
C ILE B 46 17.36 10.26 -30.05
N PHE B 47 17.61 11.57 -30.08
CA PHE B 47 17.13 12.39 -31.17
C PHE B 47 17.72 11.94 -32.51
N LEU B 48 19.04 11.73 -32.55
CA LEU B 48 19.67 11.29 -33.78
C LEU B 48 19.16 9.92 -34.22
N ALA B 49 18.99 9.01 -33.26
CA ALA B 49 18.45 7.69 -33.59
C ALA B 49 17.03 7.80 -34.14
N SER B 50 16.22 8.70 -33.58
CA SER B 50 14.86 8.88 -34.07
C SER B 50 14.85 9.42 -35.49
N LEU B 51 15.69 10.42 -35.78
CA LEU B 51 15.77 10.91 -37.15
C LEU B 51 16.18 9.81 -38.13
N LEU B 52 17.21 9.05 -37.77
CA LEU B 52 17.67 8.00 -38.69
C LEU B 52 16.62 6.91 -38.85
N TYR B 53 15.93 6.54 -37.77
CA TYR B 53 14.88 5.54 -37.85
C TYR B 53 13.74 6.00 -38.75
N THR B 54 13.32 7.26 -38.59
CA THR B 54 12.25 7.78 -39.43
C THR B 54 12.66 7.84 -40.88
N ALA B 55 13.89 8.30 -41.16
CA ALA B 55 14.36 8.37 -42.53
C ALA B 55 14.43 6.97 -43.16
N LEU B 56 14.95 6.00 -42.42
CA LEU B 56 15.05 4.64 -42.95
C LEU B 56 13.67 4.05 -43.20
N GLY B 57 12.71 4.29 -42.31
CA GLY B 57 11.36 3.81 -42.53
C GLY B 57 10.71 4.43 -43.75
N ILE B 58 10.89 5.76 -43.92
CA ILE B 58 10.35 6.43 -45.10
C ILE B 58 10.97 5.86 -46.37
N ALA B 59 12.28 5.64 -46.36
CA ALA B 59 12.95 5.07 -47.53
C ALA B 59 12.45 3.68 -47.83
N GLY B 60 12.25 2.85 -46.78
CA GLY B 60 11.79 1.50 -46.99
C GLY B 60 10.33 1.37 -47.35
N SER B 61 9.54 2.40 -47.10
CA SER B 61 8.13 2.37 -47.47
C SER B 61 7.93 2.26 -48.98
N PHE B 62 8.88 2.74 -49.78
CA PHE B 62 8.80 2.76 -51.25
C PHE B 62 8.89 1.37 -51.87
N TYR B 63 8.93 0.30 -51.07
CA TYR B 63 9.06 -1.03 -51.64
C TYR B 63 7.86 -1.39 -52.51
N ILE B 64 6.65 -1.08 -52.04
CA ILE B 64 5.46 -1.43 -52.81
C ILE B 64 5.38 -0.60 -54.09
N LYS B 65 5.77 0.67 -54.02
CA LYS B 65 5.78 1.50 -55.23
C LYS B 65 6.76 0.96 -56.25
N PHE B 66 7.98 0.61 -55.82
CA PHE B 66 8.95 0.05 -56.75
C PHE B 66 8.50 -1.32 -57.25
N LEU B 67 7.69 -2.02 -56.46
CA LEU B 67 7.20 -3.33 -56.84
C LEU B 67 6.14 -3.24 -57.93
N PHE B 68 5.20 -2.31 -57.78
CA PHE B 68 4.08 -2.19 -58.70
C PHE B 68 4.31 -1.19 -59.82
N ASP B 69 5.43 -0.48 -59.82
CA ASP B 69 5.71 0.53 -60.84
C ASP B 69 6.88 0.20 -61.73
N ASP B 70 7.84 -0.60 -61.26
CA ASP B 70 9.03 -0.91 -62.04
C ASP B 70 9.37 -2.40 -62.11
N LEU B 71 8.73 -3.25 -61.29
CA LEU B 71 9.12 -4.64 -61.19
C LEU B 71 8.03 -5.63 -61.54
N ILE B 72 6.83 -5.16 -61.88
CA ILE B 72 5.72 -6.02 -62.27
C ILE B 72 5.34 -5.79 -63.73
N LYS B 73 5.23 -4.53 -64.14
CA LYS B 73 4.97 -4.24 -65.55
C LYS B 73 6.11 -4.73 -66.43
N PHE B 74 7.34 -4.53 -65.99
CA PHE B 74 8.53 -5.01 -66.70
C PHE B 74 9.19 -6.07 -65.83
N GLU B 75 9.07 -7.33 -66.21
CA GLU B 75 9.60 -8.44 -65.42
C GLU B 75 11.10 -8.30 -65.24
N LYS B 76 11.52 -8.03 -64.01
CA LYS B 76 12.92 -7.74 -63.67
C LYS B 76 13.34 -8.52 -62.44
N LEU B 77 13.11 -9.84 -62.46
CA LEU B 77 13.39 -10.69 -61.30
C LEU B 77 14.81 -10.49 -60.79
N ASN B 78 15.77 -10.34 -61.70
CA ASN B 78 17.16 -10.11 -61.28
C ASN B 78 17.27 -8.82 -60.48
N ASP B 79 16.62 -7.75 -60.93
CA ASP B 79 16.58 -6.53 -60.14
C ASP B 79 15.65 -6.65 -58.96
N LEU B 80 14.62 -7.49 -59.07
CA LEU B 80 13.71 -7.73 -57.96
C LEU B 80 14.45 -8.24 -56.74
N HIS B 81 15.33 -9.23 -56.92
CA HIS B 81 16.05 -9.80 -55.79
C HIS B 81 16.97 -8.77 -55.15
N ILE B 82 17.65 -7.97 -55.97
CA ILE B 82 18.56 -6.95 -55.44
C ILE B 82 17.78 -5.92 -54.62
N ILE B 83 16.65 -5.45 -55.16
CA ILE B 83 15.87 -4.44 -54.45
C ILE B 83 15.29 -5.02 -53.15
N SER B 84 14.81 -6.26 -53.19
CA SER B 84 14.28 -6.88 -51.98
C SER B 84 15.36 -7.03 -50.92
N ALA B 85 16.56 -7.46 -51.33
CA ALA B 85 17.66 -7.58 -50.37
C ALA B 85 18.04 -6.22 -49.78
N GLY B 86 18.08 -5.18 -50.63
CA GLY B 86 18.41 -3.87 -50.13
C GLY B 86 17.39 -3.35 -49.12
N PHE B 87 16.10 -3.57 -49.41
CA PHE B 87 15.08 -3.12 -48.47
C PHE B 87 15.09 -3.93 -47.18
N ALA B 88 15.39 -5.23 -47.26
CA ALA B 88 15.54 -6.03 -46.05
C ALA B 88 16.70 -5.54 -45.20
N VAL B 89 17.82 -5.20 -45.83
CA VAL B 89 18.97 -4.65 -45.10
C VAL B 89 18.58 -3.32 -44.45
N ILE B 90 17.85 -2.48 -45.18
CA ILE B 90 17.38 -1.21 -44.63
C ILE B 90 16.54 -1.44 -43.39
N PHE B 91 15.62 -2.41 -43.46
CA PHE B 91 14.76 -2.69 -42.31
C PHE B 91 15.57 -3.22 -41.13
N LEU B 92 16.57 -4.07 -41.39
CA LEU B 92 17.40 -4.56 -40.31
C LEU B 92 18.12 -3.42 -39.61
N LEU B 93 18.68 -2.48 -40.38
CA LEU B 93 19.32 -1.32 -39.79
C LEU B 93 18.33 -0.49 -38.98
N GLN B 94 17.12 -0.32 -39.52
CA GLN B 94 16.08 0.44 -38.83
C GLN B 94 15.75 -0.16 -37.48
N ILE B 95 15.62 -1.49 -37.42
CA ILE B 95 15.36 -2.15 -36.14
C ILE B 95 16.55 -2.01 -35.20
N PHE B 96 17.77 -2.02 -35.75
CA PHE B 96 18.94 -1.83 -34.88
C PHE B 96 18.89 -0.48 -34.17
N LEU B 97 18.64 0.60 -34.92
CA LEU B 97 18.55 1.89 -34.24
C LEU B 97 17.31 2.01 -33.36
N ASN B 98 16.23 1.31 -33.69
CA ASN B 98 15.09 1.27 -32.79
C ASN B 98 15.48 0.65 -31.44
N TYR B 99 16.24 -0.43 -31.49
CA TYR B 99 16.72 -1.09 -30.27
C TYR B 99 17.62 -0.15 -29.47
N TYR B 100 18.54 0.54 -30.13
CA TYR B 100 19.42 1.49 -29.44
C TYR B 100 18.60 2.58 -28.74
N ARG B 101 17.67 3.19 -29.47
CA ARG B 101 16.86 4.26 -28.92
C ARG B 101 16.00 3.76 -27.75
N SER B 102 15.45 2.56 -27.88
CA SER B 102 14.65 2.00 -26.79
C SER B 102 15.49 1.81 -25.53
N ILE B 103 16.73 1.32 -25.69
CA ILE B 103 17.61 1.16 -24.54
C ILE B 103 17.83 2.49 -23.84
N LEU B 104 18.17 3.52 -24.62
CA LEU B 104 18.47 4.81 -24.01
C LEU B 104 17.24 5.39 -23.31
N VAL B 105 16.07 5.27 -23.93
CA VAL B 105 14.84 5.80 -23.33
C VAL B 105 14.52 5.06 -22.04
N THR B 106 14.73 3.74 -22.02
CA THR B 106 14.48 2.98 -20.79
C THR B 106 15.38 3.45 -19.66
N LYS B 107 16.67 3.67 -19.96
CA LYS B 107 17.56 4.17 -18.92
C LYS B 107 17.14 5.55 -18.42
N LEU B 108 16.76 6.44 -19.34
CA LEU B 108 16.35 7.78 -18.92
C LEU B 108 15.11 7.73 -18.03
N GLY B 109 14.12 6.93 -18.41
CA GLY B 109 12.93 6.81 -17.59
C GLY B 109 13.21 6.23 -16.22
N MET B 110 14.12 5.25 -16.15
CA MET B 110 14.48 4.68 -14.86
C MET B 110 15.06 5.76 -13.96
N SER B 111 16.00 6.55 -14.50
CA SER B 111 16.62 7.60 -13.69
C SER B 111 15.58 8.61 -13.21
N ILE B 112 14.68 9.03 -14.10
CA ILE B 112 13.73 10.07 -13.72
C ILE B 112 12.75 9.55 -12.67
N ASP B 113 12.31 8.30 -12.79
CA ASP B 113 11.42 7.76 -11.77
C ASP B 113 12.12 7.65 -10.43
N LYS B 114 13.40 7.24 -10.44
CA LYS B 114 14.13 7.20 -9.17
C LYS B 114 14.19 8.57 -8.52
N SER B 115 14.49 9.61 -9.33
CA SER B 115 14.56 10.95 -8.79
C SER B 115 13.23 11.38 -8.18
N ILE B 116 12.13 11.15 -8.90
CA ILE B 116 10.81 11.57 -8.41
C ILE B 116 10.46 10.86 -7.12
N MET B 117 10.65 9.54 -7.07
CA MET B 117 10.32 8.77 -5.88
C MET B 117 11.11 9.25 -4.67
N MET B 118 12.43 9.41 -4.84
CA MET B 118 13.25 9.82 -3.72
C MET B 118 12.88 11.22 -3.24
N GLU B 119 12.62 12.14 -4.17
CA GLU B 119 12.25 13.50 -3.78
C GLU B 119 10.95 13.49 -2.98
N TYR B 120 9.95 12.75 -3.46
CA TYR B 120 8.67 12.73 -2.75
C TYR B 120 8.82 12.14 -1.36
N TYR B 121 9.55 11.03 -1.23
CA TYR B 121 9.69 10.43 0.10
C TYR B 121 10.47 11.33 1.04
N SER B 122 11.53 11.97 0.55
CA SER B 122 12.31 12.87 1.39
C SER B 122 11.49 14.06 1.84
N HIS B 123 10.55 14.54 1.00
CA HIS B 123 9.70 15.63 1.44
C HIS B 123 8.65 15.16 2.43
N VAL B 124 8.12 13.95 2.24
CA VAL B 124 7.10 13.43 3.17
C VAL B 124 7.69 13.24 4.56
N LEU B 125 8.94 12.77 4.64
CA LEU B 125 9.49 12.42 5.95
C LEU B 125 9.67 13.62 6.88
N LYS B 126 9.58 14.85 6.38
CA LYS B 126 9.82 16.03 7.21
C LYS B 126 8.66 17.00 7.14
N LEU B 127 7.44 16.48 7.26
CA LEU B 127 6.24 17.28 7.31
C LEU B 127 5.78 17.50 8.74
N PRO B 128 5.01 18.55 9.02
CA PRO B 128 4.55 18.79 10.39
C PRO B 128 3.62 17.69 10.87
N MET B 129 3.56 17.54 12.20
CA MET B 129 2.78 16.47 12.80
C MET B 129 1.27 16.64 12.58
N ASN B 130 0.81 17.84 12.23
CA ASN B 130 -0.60 18.02 11.92
C ASN B 130 -0.99 17.19 10.69
N PHE B 131 -0.11 17.14 9.69
CA PHE B 131 -0.39 16.36 8.49
C PHE B 131 -0.54 14.88 8.82
N PHE B 132 0.32 14.35 9.68
CA PHE B 132 0.23 12.94 10.03
C PHE B 132 -0.96 12.67 10.94
N ASN B 133 -1.30 13.61 11.82
CA ASN B 133 -2.45 13.44 12.69
C ASN B 133 -3.75 13.42 11.91
N SER B 134 -3.86 14.29 10.89
CA SER B 134 -5.09 14.37 10.12
C SER B 134 -5.20 13.25 9.10
N ARG B 135 -4.24 13.17 8.18
CA ARG B 135 -4.29 12.22 7.09
C ARG B 135 -3.96 10.81 7.57
N LYS B 136 -4.62 9.82 6.97
CA LYS B 136 -4.42 8.43 7.34
C LYS B 136 -3.17 7.86 6.67
N VAL B 137 -2.73 6.71 7.18
CA VAL B 137 -1.52 6.07 6.67
C VAL B 137 -1.74 5.56 5.25
N GLY B 138 -2.86 4.88 5.03
CA GLY B 138 -3.11 4.26 3.73
C GLY B 138 -3.17 5.25 2.59
N GLU B 139 -3.70 6.45 2.85
CA GLU B 139 -3.73 7.47 1.81
C GLU B 139 -2.31 7.84 1.37
N ILE B 140 -1.40 8.03 2.33
CA ILE B 140 -0.02 8.36 1.99
C ILE B 140 0.64 7.20 1.25
N ILE B 141 0.40 5.97 1.70
CA ILE B 141 0.97 4.81 1.00
C ILE B 141 0.47 4.75 -0.43
N SER B 142 -0.83 4.98 -0.64
CA SER B 142 -1.40 4.87 -1.98
C SER B 142 -0.87 5.97 -2.90
N ARG B 143 -0.80 7.21 -2.41
CA ARG B 143 -0.29 8.26 -3.27
C ARG B 143 1.23 8.26 -3.37
N PHE B 144 1.92 7.41 -2.61
CA PHE B 144 3.31 7.11 -2.94
C PHE B 144 3.39 6.01 -4.00
N MET B 145 2.54 5.00 -3.89
CA MET B 145 2.52 3.91 -4.86
C MET B 145 2.08 4.38 -6.24
N ASP B 146 1.35 5.51 -6.31
CA ASP B 146 1.00 6.10 -7.60
C ASP B 146 2.23 6.49 -8.42
N ALA B 147 3.42 6.47 -7.81
CA ALA B 147 4.64 6.66 -8.59
C ALA B 147 4.81 5.57 -9.64
N SER B 148 4.25 4.37 -9.40
CA SER B 148 4.29 3.35 -10.43
C SER B 148 3.46 3.74 -11.65
N LYS B 149 2.28 4.31 -11.43
CA LYS B 149 1.48 4.80 -12.55
C LYS B 149 2.15 5.97 -13.24
N ILE B 150 2.87 6.80 -12.49
CA ILE B 150 3.70 7.82 -13.13
C ILE B 150 4.78 7.18 -13.98
N ARG B 151 5.37 6.10 -13.49
CA ARG B 151 6.41 5.38 -14.23
C ARG B 151 5.90 4.82 -15.54
N GLN B 152 4.69 4.23 -15.54
CA GLN B 152 4.23 3.50 -16.71
C GLN B 152 4.12 4.39 -17.95
N ALA B 153 4.00 5.70 -17.77
CA ALA B 153 3.90 6.63 -18.89
C ALA B 153 5.23 7.23 -19.31
N ILE B 154 6.33 6.80 -18.70
CA ILE B 154 7.66 7.28 -19.07
C ILE B 154 8.49 6.06 -19.42
N SER B 155 7.81 4.99 -19.84
CA SER B 155 8.50 3.77 -20.19
C SER B 155 9.19 3.92 -21.55
N GLY B 156 9.80 2.82 -22.01
CA GLY B 156 10.51 2.86 -23.28
C GLY B 156 9.58 3.11 -24.46
N ALA B 157 8.46 2.39 -24.52
CA ALA B 157 7.55 2.50 -25.65
C ALA B 157 6.75 3.79 -25.60
N THR B 158 6.31 4.20 -24.41
CA THR B 158 5.43 5.36 -24.30
C THR B 158 6.14 6.64 -24.70
N LEU B 159 7.46 6.68 -24.61
CA LEU B 159 8.22 7.85 -25.03
C LEU B 159 8.67 7.76 -26.47
N THR B 160 8.97 6.56 -26.97
CA THR B 160 9.28 6.42 -28.38
C THR B 160 8.07 6.73 -29.26
N ILE B 161 6.87 6.41 -28.79
CA ILE B 161 5.68 6.76 -29.54
C ILE B 161 5.54 8.27 -29.63
N MET B 162 5.78 8.98 -28.52
CA MET B 162 5.72 10.44 -28.54
C MET B 162 6.78 11.03 -29.45
N ILE B 163 8.00 10.48 -29.43
CA ILE B 163 9.04 11.02 -30.30
C ILE B 163 8.72 10.74 -31.77
N ASP B 164 8.09 9.60 -32.06
CA ASP B 164 7.62 9.35 -33.43
C ASP B 164 6.55 10.36 -33.82
N THR B 165 5.64 10.67 -32.91
CA THR B 165 4.59 11.65 -33.19
C THR B 165 5.19 13.01 -33.50
N ILE B 166 6.18 13.45 -32.71
CA ILE B 166 6.79 14.75 -32.95
C ILE B 166 7.70 14.72 -34.17
N MET B 167 8.16 13.53 -34.58
CA MET B 167 9.05 13.42 -35.72
C MET B 167 8.32 13.18 -37.04
N ALA B 168 7.02 12.90 -37.00
CA ALA B 168 6.24 12.68 -38.21
C ALA B 168 6.14 13.92 -39.10
N VAL B 169 6.76 15.04 -38.73
CA VAL B 169 6.70 16.25 -39.56
C VAL B 169 7.37 16.00 -40.91
N ILE B 170 8.48 15.26 -40.91
CA ILE B 170 9.17 14.94 -42.16
C ILE B 170 8.26 14.09 -43.05
N GLY B 171 7.60 13.09 -42.46
CA GLY B 171 6.66 12.29 -43.23
C GLY B 171 5.52 13.11 -43.80
N GLY B 172 5.01 14.06 -43.02
CA GLY B 172 3.96 14.94 -43.53
C GLY B 172 4.43 15.82 -44.67
N ILE B 173 5.65 16.35 -44.55
CA ILE B 173 6.21 17.17 -45.63
C ILE B 173 6.34 16.36 -46.90
N LEU B 174 6.87 15.14 -46.79
CA LEU B 174 7.00 14.28 -47.96
C LEU B 174 5.64 13.89 -48.53
N LEU B 175 4.64 13.71 -47.65
CA LEU B 175 3.28 13.44 -48.12
C LEU B 175 2.75 14.60 -48.94
N TYR B 176 2.96 15.83 -48.47
CA TYR B 176 2.48 17.00 -49.22
C TYR B 176 3.21 17.12 -50.55
N ILE B 177 4.52 16.88 -50.55
CA ILE B 177 5.29 16.98 -51.79
C ILE B 177 4.82 15.93 -52.80
N GLN B 178 4.55 14.71 -52.33
CA GLN B 178 4.26 13.61 -53.24
C GLN B 178 2.94 13.83 -53.98
N ASN B 179 1.88 14.17 -53.26
CA ASN B 179 0.54 14.21 -53.84
C ASN B 179 -0.08 15.60 -53.79
N SER B 180 -0.03 16.28 -52.65
CA SER B 180 -0.54 17.63 -52.45
C SER B 180 -2.06 17.72 -52.53
N SER B 181 -2.72 16.60 -52.79
CA SER B 181 -4.19 16.54 -52.79
C SER B 181 -4.72 15.54 -51.78
N LEU B 182 -4.10 14.35 -51.70
CA LEU B 182 -4.44 13.39 -50.65
C LEU B 182 -3.92 13.80 -49.28
N PHE B 183 -3.09 14.84 -49.20
CA PHE B 183 -2.62 15.30 -47.90
C PHE B 183 -3.70 16.04 -47.14
N PHE B 184 -4.65 16.66 -47.86
CA PHE B 184 -5.73 17.38 -47.19
C PHE B 184 -6.61 16.43 -46.39
N ILE B 185 -6.85 15.23 -46.91
CA ILE B 185 -7.65 14.25 -46.17
C ILE B 185 -6.91 13.82 -44.90
N SER B 186 -5.59 13.63 -44.99
CA SER B 186 -4.82 13.31 -43.79
C SER B 186 -4.88 14.44 -42.77
N PHE B 187 -4.81 15.68 -43.25
CA PHE B 187 -4.93 16.82 -42.34
C PHE B 187 -6.30 16.84 -41.67
N ILE B 188 -7.35 16.52 -42.41
CA ILE B 188 -8.68 16.44 -41.84
C ILE B 188 -8.75 15.33 -40.79
N ILE B 189 -8.09 14.20 -41.06
CA ILE B 189 -8.07 13.11 -40.10
C ILE B 189 -7.39 13.55 -38.80
N ILE B 190 -6.26 14.24 -38.92
CA ILE B 190 -5.54 14.70 -37.73
C ILE B 190 -6.35 15.75 -36.98
N LEU B 191 -7.06 16.62 -37.72
CA LEU B 191 -7.93 17.60 -37.07
C LEU B 191 -9.05 16.91 -36.30
N LEU B 192 -9.63 15.84 -36.87
CA LEU B 192 -10.65 15.09 -36.15
C LEU B 192 -10.07 14.42 -34.91
N TYR B 193 -8.85 13.90 -35.01
CA TYR B 193 -8.19 13.34 -33.84
C TYR B 193 -8.04 14.38 -32.74
N GLY B 194 -7.59 15.58 -33.11
CA GLY B 194 -7.44 16.64 -32.13
C GLY B 194 -8.76 17.04 -31.50
N ILE B 195 -9.82 17.12 -32.31
CA ILE B 195 -11.13 17.47 -31.78
C ILE B 195 -11.61 16.42 -30.78
N ILE B 196 -11.43 15.14 -31.13
CA ILE B 196 -11.86 14.07 -30.24
C ILE B 196 -11.11 14.13 -28.92
N VAL B 197 -9.80 14.35 -28.99
CA VAL B 197 -9.00 14.40 -27.76
C VAL B 197 -9.38 15.61 -26.91
N THR B 198 -9.61 16.76 -27.55
CA THR B 198 -10.00 17.94 -26.80
C THR B 198 -11.35 17.73 -26.11
N VAL B 199 -12.26 17.01 -26.77
CA VAL B 199 -13.53 16.69 -26.12
C VAL B 199 -13.33 15.73 -24.96
N PHE B 200 -12.51 14.70 -25.14
CA PHE B 200 -12.40 13.62 -24.16
C PHE B 200 -11.35 13.87 -23.09
N ASN B 201 -10.68 15.02 -23.10
CA ASN B 201 -9.66 15.30 -22.09
C ASN B 201 -10.25 15.32 -20.68
N LYS B 202 -11.19 16.24 -20.42
CA LYS B 202 -11.64 16.47 -19.05
C LYS B 202 -12.31 15.26 -18.39
N PRO B 203 -13.26 14.55 -19.02
CA PRO B 203 -13.93 13.47 -18.28
C PRO B 203 -12.99 12.35 -17.86
N ILE B 204 -11.98 12.04 -18.68
CA ILE B 204 -10.99 11.05 -18.28
C ILE B 204 -10.24 11.54 -17.05
N GLN B 205 -9.90 12.82 -17.01
CA GLN B 205 -9.22 13.40 -15.86
C GLN B 205 -10.05 13.25 -14.60
N ASN B 206 -11.35 13.59 -14.68
CA ASN B 206 -12.22 13.50 -13.52
C ASN B 206 -12.39 12.06 -13.06
N ALA B 207 -12.59 11.14 -14.00
CA ALA B 207 -12.75 9.73 -13.64
C ALA B 207 -11.48 9.19 -12.99
N ASN B 208 -10.32 9.58 -13.50
CA ASN B 208 -9.07 9.14 -12.90
C ASN B 208 -8.91 9.68 -11.49
N ARG B 209 -9.25 10.94 -11.27
CA ARG B 209 -9.22 11.49 -9.91
C ARG B 209 -10.11 10.67 -8.99
N GLN B 210 -11.33 10.39 -9.43
CA GLN B 210 -12.28 9.68 -8.58
C GLN B 210 -11.79 8.28 -8.26
N ILE B 211 -11.28 7.55 -9.27
CA ILE B 211 -10.87 6.18 -9.02
C ILE B 211 -9.63 6.14 -8.13
N MET B 212 -8.71 7.08 -8.30
CA MET B 212 -7.53 7.09 -7.45
C MET B 212 -7.87 7.44 -6.02
N GLU B 213 -8.79 8.40 -5.80
CA GLU B 213 -9.20 8.71 -4.45
C GLU B 213 -9.90 7.52 -3.79
N ASP B 214 -10.77 6.83 -4.53
CA ASP B 214 -11.45 5.67 -3.97
C ASP B 214 -10.46 4.55 -3.66
N ASN B 215 -9.48 4.35 -4.53
CA ASN B 215 -8.45 3.34 -4.27
C ASN B 215 -7.62 3.70 -3.05
N ALA B 216 -7.33 4.98 -2.85
CA ALA B 216 -6.62 5.39 -1.65
C ALA B 216 -7.44 5.09 -0.39
N LYS B 217 -8.75 5.37 -0.44
CA LYS B 217 -9.59 5.04 0.70
C LYS B 217 -9.62 3.53 0.97
N LEU B 218 -9.71 2.72 -0.09
CA LEU B 218 -9.71 1.27 0.09
C LEU B 218 -8.39 0.80 0.69
N THR B 219 -7.26 1.35 0.21
CA THR B 219 -5.96 0.98 0.77
C THR B 219 -5.86 1.36 2.24
N SER B 220 -6.37 2.53 2.61
CA SER B 220 -6.35 2.96 4.01
C SER B 220 -7.16 1.99 4.87
N ALA B 221 -8.35 1.63 4.42
CA ALA B 221 -9.18 0.70 5.18
C ALA B 221 -8.49 -0.65 5.31
N LEU B 222 -7.86 -1.12 4.23
CA LEU B 222 -7.16 -2.40 4.27
C LEU B 222 -6.02 -2.39 5.27
N VAL B 223 -5.20 -1.33 5.24
CA VAL B 223 -4.06 -1.24 6.15
C VAL B 223 -4.54 -1.19 7.59
N GLU B 224 -5.57 -0.39 7.85
CA GLU B 224 -6.09 -0.29 9.21
C GLU B 224 -6.64 -1.62 9.71
N SER B 225 -7.37 -2.34 8.86
CA SER B 225 -7.90 -3.63 9.26
C SER B 225 -6.80 -4.64 9.52
N VAL B 226 -5.78 -4.68 8.66
CA VAL B 226 -4.68 -5.62 8.87
C VAL B 226 -3.93 -5.30 10.15
N LYS B 227 -3.76 -4.02 10.46
CA LYS B 227 -3.09 -3.65 11.69
C LYS B 227 -3.92 -4.01 12.92
N GLY B 228 -5.24 -3.85 12.84
CA GLY B 228 -6.12 -4.19 13.95
C GLY B 228 -6.66 -5.60 13.95
N ILE B 229 -6.12 -6.47 13.09
CA ILE B 229 -6.56 -7.87 13.03
C ILE B 229 -6.59 -8.53 14.40
N GLU B 230 -5.74 -8.12 15.34
CA GLU B 230 -5.76 -8.72 16.66
C GLU B 230 -7.10 -8.46 17.35
N THR B 231 -7.51 -7.18 17.42
CA THR B 231 -8.80 -6.85 18.01
C THR B 231 -9.95 -7.42 17.20
N ILE B 232 -9.81 -7.41 15.88
CA ILE B 232 -10.88 -7.92 15.01
C ILE B 232 -11.13 -9.40 15.30
N LYS B 233 -10.06 -10.19 15.41
CA LYS B 233 -10.20 -11.60 15.72
C LYS B 233 -10.71 -11.80 17.13
N SER B 234 -10.25 -10.98 18.09
CA SER B 234 -10.70 -11.13 19.47
C SER B 234 -12.20 -10.90 19.60
N PHE B 235 -12.72 -9.88 18.91
CA PHE B 235 -14.13 -9.51 19.04
C PHE B 235 -15.01 -10.12 17.96
N GLY B 236 -14.46 -10.93 17.06
CA GLY B 236 -15.25 -11.57 16.03
C GLY B 236 -15.91 -10.59 15.07
N ALA B 237 -15.23 -9.50 14.75
CA ALA B 237 -15.75 -8.47 13.84
C ALA B 237 -15.32 -8.69 12.40
N GLU B 238 -15.08 -9.94 12.01
CA GLU B 238 -14.66 -10.21 10.63
C GLU B 238 -15.75 -9.85 9.63
N GLU B 239 -17.01 -10.16 9.96
CA GLU B 239 -18.10 -9.91 9.03
C GLU B 239 -18.27 -8.42 8.74
N GLN B 240 -18.24 -7.59 9.78
CA GLN B 240 -18.43 -6.16 9.60
C GLN B 240 -17.30 -5.54 8.78
N THR B 241 -16.06 -5.91 9.08
CA THR B 241 -14.93 -5.40 8.30
C THR B 241 -15.00 -5.88 6.86
N GLU B 242 -15.39 -7.14 6.65
CA GLU B 242 -15.55 -7.65 5.30
C GLU B 242 -16.60 -6.86 4.53
N LYS B 243 -17.72 -6.54 5.18
CA LYS B 243 -18.77 -5.77 4.50
C LYS B 243 -18.29 -4.36 4.17
N SER B 244 -17.59 -3.71 5.11
CA SER B 244 -17.08 -2.37 4.83
C SER B 244 -16.09 -2.38 3.68
N THR B 245 -15.16 -3.34 3.68
CA THR B 245 -14.21 -3.44 2.58
C THR B 245 -14.91 -3.78 1.27
N ARG B 246 -15.98 -4.58 1.32
CA ARG B 246 -16.76 -4.86 0.12
C ARG B 246 -17.38 -3.59 -0.45
N ASP B 247 -17.93 -2.75 0.43
CA ASP B 247 -18.51 -1.49 -0.05
C ASP B 247 -17.45 -0.58 -0.66
N LYS B 248 -16.28 -0.50 -0.03
CA LYS B 248 -15.20 0.30 -0.59
C LYS B 248 -14.75 -0.24 -1.94
N ILE B 249 -14.62 -1.56 -2.06
CA ILE B 249 -14.27 -2.18 -3.33
C ILE B 249 -15.32 -1.89 -4.38
N GLU B 250 -16.60 -1.90 -3.98
CA GLU B 250 -17.67 -1.66 -4.93
C GLU B 250 -17.65 -0.23 -5.47
N THR B 251 -17.40 0.75 -4.60
CA THR B 251 -17.33 2.13 -5.11
C THR B 251 -16.09 2.32 -5.99
N VAL B 252 -14.98 1.67 -5.63
CA VAL B 252 -13.79 1.71 -6.48
C VAL B 252 -14.12 1.15 -7.86
N MET B 253 -14.83 0.02 -7.90
CA MET B 253 -15.17 -0.59 -9.19
C MET B 253 -16.18 0.25 -9.96
N LYS B 254 -17.08 0.94 -9.27
CA LYS B 254 -18.01 1.81 -9.98
C LYS B 254 -17.26 2.92 -10.70
N SER B 255 -16.32 3.56 -10.02
CA SER B 255 -15.50 4.56 -10.69
C SER B 255 -14.68 3.94 -11.82
N SER B 256 -14.13 2.75 -11.59
CA SER B 256 -13.33 2.07 -12.61
C SER B 256 -14.17 1.75 -13.84
N PHE B 257 -15.43 1.32 -13.66
CA PHE B 257 -16.28 1.00 -14.79
C PHE B 257 -16.68 2.25 -15.55
N LYS B 258 -16.92 3.36 -14.84
CA LYS B 258 -17.18 4.61 -15.57
C LYS B 258 -15.98 4.99 -16.42
N GLU B 259 -14.77 4.87 -15.86
CA GLU B 259 -13.57 5.15 -16.64
C GLU B 259 -13.43 4.21 -17.83
N GLY B 260 -13.75 2.93 -17.63
CA GLY B 260 -13.64 1.97 -18.72
C GLY B 260 -14.62 2.24 -19.84
N MET B 261 -15.85 2.63 -19.48
CA MET B 261 -16.82 3.01 -20.50
C MET B 261 -16.37 4.23 -21.28
N LEU B 262 -15.78 5.20 -20.57
CA LEU B 262 -15.23 6.37 -21.26
C LEU B 262 -14.11 5.97 -22.22
N TYR B 263 -13.24 5.06 -21.79
CA TYR B 263 -12.17 4.58 -22.66
C TYR B 263 -12.73 3.86 -23.88
N ILE B 264 -13.79 3.07 -23.69
CA ILE B 264 -14.42 2.36 -24.80
C ILE B 264 -14.98 3.36 -25.82
N ASN B 265 -15.66 4.40 -25.33
CA ASN B 265 -16.18 5.42 -26.23
C ASN B 265 -15.06 6.08 -27.02
N LEU B 266 -13.99 6.47 -26.33
CA LEU B 266 -12.87 7.13 -27.01
C LEU B 266 -12.25 6.22 -28.06
N SER B 267 -12.04 4.95 -27.71
CA SER B 267 -11.45 4.01 -28.65
C SER B 267 -12.34 3.79 -29.86
N SER B 268 -13.66 3.69 -29.64
CA SER B 268 -14.57 3.50 -30.76
C SER B 268 -14.55 4.69 -31.72
N LEU B 269 -14.60 5.90 -31.18
CA LEU B 269 -14.55 7.07 -32.05
C LEU B 269 -13.22 7.15 -32.80
N THR B 270 -12.11 6.88 -32.11
CA THR B 270 -10.82 6.90 -32.79
C THR B 270 -10.75 5.86 -33.90
N GLY B 271 -11.27 4.66 -33.65
CA GLY B 271 -11.28 3.62 -34.68
C GLY B 271 -12.13 4.01 -35.88
N ILE B 272 -13.30 4.60 -35.62
CA ILE B 272 -14.15 5.06 -36.73
C ILE B 272 -13.39 6.08 -37.56
N VAL B 273 -12.75 7.05 -36.91
CA VAL B 273 -12.04 8.08 -37.64
C VAL B 273 -10.92 7.46 -38.48
N ALA B 274 -10.14 6.56 -37.88
CA ALA B 274 -9.02 5.96 -38.59
C ALA B 274 -9.49 5.16 -39.80
N GLY B 275 -10.50 4.30 -39.61
CA GLY B 275 -10.95 3.47 -40.71
C GLY B 275 -11.60 4.27 -41.83
N LEU B 276 -12.45 5.23 -41.48
CA LEU B 276 -13.08 6.07 -42.50
C LEU B 276 -12.03 6.89 -43.24
N GLY B 277 -11.02 7.40 -42.53
CA GLY B 277 -9.95 8.12 -43.18
C GLY B 277 -9.18 7.25 -44.16
N GLY B 278 -8.87 6.02 -43.76
CA GLY B 278 -8.18 5.12 -44.68
C GLY B 278 -9.00 4.80 -45.91
N ILE B 279 -10.29 4.53 -45.72
CA ILE B 279 -11.16 4.22 -46.85
C ILE B 279 -11.27 5.42 -47.78
N VAL B 280 -11.34 6.63 -47.22
CA VAL B 280 -11.43 7.83 -48.04
C VAL B 280 -10.12 8.07 -48.80
N ILE B 281 -8.98 7.80 -48.16
CA ILE B 281 -7.70 7.87 -48.86
C ILE B 281 -7.70 6.93 -50.06
N LEU B 282 -8.14 5.69 -49.85
CA LEU B 282 -8.16 4.73 -50.95
C LEU B 282 -9.11 5.18 -52.06
N TRP B 283 -10.29 5.68 -51.69
CA TRP B 283 -11.27 6.12 -52.69
C TRP B 283 -10.73 7.28 -53.50
N ALA B 284 -10.16 8.29 -52.83
CA ALA B 284 -9.64 9.45 -53.56
C ALA B 284 -8.43 9.08 -54.41
N GLY B 285 -7.59 8.17 -53.92
CA GLY B 285 -6.48 7.69 -54.72
C GLY B 285 -6.94 6.98 -55.97
N ALA B 286 -7.97 6.13 -55.84
CA ALA B 286 -8.52 5.45 -57.00
C ALA B 286 -9.12 6.45 -57.98
N TYR B 287 -9.81 7.48 -57.47
CA TYR B 287 -10.38 8.49 -58.35
C TYR B 287 -9.28 9.25 -59.10
N ASN B 288 -8.20 9.61 -58.40
CA ASN B 288 -7.10 10.31 -59.06
C ASN B 288 -6.43 9.41 -60.10
N VAL B 289 -6.29 8.11 -59.79
CA VAL B 289 -5.69 7.18 -60.74
C VAL B 289 -6.54 7.09 -62.00
N ILE B 290 -7.87 6.99 -61.83
CA ILE B 290 -8.77 6.95 -62.98
C ILE B 290 -8.65 8.24 -63.78
N LYS B 291 -8.63 9.39 -63.11
CA LYS B 291 -8.48 10.65 -63.80
C LYS B 291 -7.09 10.85 -64.38
N GLY B 292 -6.13 10.01 -64.02
CA GLY B 292 -4.80 10.09 -64.60
C GLY B 292 -3.88 11.11 -63.95
N ASN B 293 -4.30 11.72 -62.84
CA ASN B 293 -3.45 12.71 -62.18
C ASN B 293 -2.26 12.07 -61.48
N MET B 294 -2.33 10.77 -61.19
CA MET B 294 -1.26 10.10 -60.45
C MET B 294 -1.34 8.60 -60.69
N SER B 295 -0.19 7.94 -60.61
CA SER B 295 -0.06 6.55 -61.02
C SER B 295 -0.68 5.62 -59.99
N GLY B 296 -0.85 4.35 -60.40
CA GLY B 296 -1.40 3.34 -59.53
C GLY B 296 -0.46 2.79 -58.49
N GLY B 297 0.84 3.06 -58.62
CA GLY B 297 1.80 2.66 -57.61
C GLY B 297 2.05 3.78 -56.62
N GLN B 298 1.85 5.02 -57.06
CA GLN B 298 1.99 6.15 -56.15
C GLN B 298 0.92 6.13 -55.07
N LEU B 299 -0.31 5.69 -55.43
CA LEU B 299 -1.35 5.50 -54.42
C LEU B 299 -0.92 4.46 -53.39
N LEU B 300 -0.33 3.36 -53.85
CA LEU B 300 0.10 2.31 -52.94
C LEU B 300 1.22 2.80 -52.02
N ALA B 301 2.15 3.58 -52.58
CA ALA B 301 3.21 4.16 -51.75
C ALA B 301 2.63 5.13 -50.72
N PHE B 302 1.67 5.96 -51.13
CA PHE B 302 1.01 6.87 -50.20
C PHE B 302 0.36 6.12 -49.05
N ASN B 303 -0.44 5.09 -49.39
CA ASN B 303 -1.11 4.32 -48.36
C ASN B 303 -0.13 3.58 -47.47
N ALA B 304 1.02 3.16 -48.03
CA ALA B 304 2.00 2.43 -47.23
C ALA B 304 2.73 3.35 -46.27
N LEU B 305 3.15 4.53 -46.72
CA LEU B 305 3.93 5.42 -45.88
C LEU B 305 3.06 6.35 -45.05
N LEU B 306 1.73 6.27 -45.19
CA LEU B 306 0.87 6.94 -44.22
C LEU B 306 1.11 6.43 -42.80
N ALA B 307 1.69 5.23 -42.65
CA ALA B 307 1.99 4.68 -41.33
C ALA B 307 3.06 5.45 -40.60
N TYR B 308 3.79 6.35 -41.26
CA TYR B 308 4.79 7.19 -40.61
C TYR B 308 4.31 8.61 -40.38
N PHE B 309 3.03 8.89 -40.65
CA PHE B 309 2.43 10.18 -40.36
C PHE B 309 1.07 10.10 -39.68
N LEU B 310 0.34 8.99 -39.84
CA LEU B 310 -0.97 8.84 -39.23
C LEU B 310 -1.04 7.76 -38.17
N THR B 311 -0.15 6.78 -38.22
CA THR B 311 -0.13 5.72 -37.22
C THR B 311 0.51 6.17 -35.89
N PRO B 312 1.61 6.92 -35.90
CA PRO B 312 2.10 7.46 -34.61
C PRO B 312 1.08 8.32 -33.89
N VAL B 313 0.31 9.11 -34.64
CA VAL B 313 -0.74 9.93 -34.03
C VAL B 313 -1.78 9.04 -33.37
N LYS B 314 -2.22 8.00 -34.07
CA LYS B 314 -3.23 7.10 -33.51
C LYS B 314 -2.69 6.36 -32.28
N ASN B 315 -1.42 5.96 -32.32
CA ASN B 315 -0.82 5.30 -31.16
C ASN B 315 -0.78 6.23 -29.96
N LEU B 316 -0.41 7.50 -30.17
CA LEU B 316 -0.43 8.47 -29.08
C LEU B 316 -1.85 8.67 -28.55
N ILE B 317 -2.84 8.72 -29.44
CA ILE B 317 -4.21 8.95 -29.01
C ILE B 317 -4.71 7.76 -28.21
N ASP B 318 -4.30 6.54 -28.60
CA ASP B 318 -4.65 5.36 -27.83
C ASP B 318 -3.95 5.35 -26.47
N LEU B 319 -2.72 5.83 -26.40
CA LEU B 319 -1.99 5.86 -25.14
C LEU B 319 -2.44 6.98 -24.21
N GLN B 320 -3.16 7.98 -24.73
CA GLN B 320 -3.66 9.12 -23.95
C GLN B 320 -4.15 8.80 -22.54
N PRO B 321 -4.88 7.69 -22.31
CA PRO B 321 -5.25 7.36 -20.93
C PRO B 321 -4.06 7.22 -19.99
N LEU B 322 -2.95 6.65 -20.46
CA LEU B 322 -1.77 6.53 -19.61
C LEU B 322 -1.17 7.90 -19.27
N ILE B 323 -1.14 8.80 -20.25
CA ILE B 323 -0.66 10.15 -19.99
C ILE B 323 -1.55 10.86 -18.98
N GLN B 324 -2.88 10.68 -19.11
CA GLN B 324 -3.79 11.29 -18.15
C GLN B 324 -3.60 10.73 -16.75
N THR B 325 -3.40 9.41 -16.65
CA THR B 325 -3.14 8.80 -15.34
C THR B 325 -1.85 9.33 -14.74
N ALA B 326 -0.81 9.48 -15.56
CA ALA B 326 0.44 10.06 -15.06
C ALA B 326 0.22 11.50 -14.59
N VAL B 327 -0.58 12.27 -15.34
CA VAL B 327 -0.81 13.66 -14.97
C VAL B 327 -1.53 13.74 -13.63
N VAL B 328 -2.58 12.92 -13.44
CA VAL B 328 -3.34 13.01 -12.20
C VAL B 328 -2.51 12.50 -11.02
N ALA B 329 -1.71 11.45 -11.24
CA ALA B 329 -0.83 10.98 -10.18
C ALA B 329 0.20 12.03 -9.79
N SER B 330 0.79 12.71 -10.79
CA SER B 330 1.73 13.78 -10.49
C SER B 330 1.06 14.93 -9.76
N ASN B 331 -0.18 15.25 -10.12
CA ASN B 331 -0.91 16.29 -9.40
C ASN B 331 -1.16 15.88 -7.95
N ARG B 332 -1.49 14.61 -7.73
CA ARG B 332 -1.72 14.15 -6.36
C ARG B 332 -0.44 14.17 -5.54
N LEU B 333 0.69 13.86 -6.16
CA LEU B 333 1.98 14.03 -5.47
C LEU B 333 2.24 15.51 -5.18
N GLY B 334 1.93 16.39 -6.13
CA GLY B 334 2.13 17.81 -5.92
C GLY B 334 1.29 18.35 -4.79
N GLU B 335 0.08 17.79 -4.59
CA GLU B 335 -0.77 18.22 -3.48
C GLU B 335 -0.01 18.17 -2.16
N ILE B 336 0.70 17.07 -1.91
CA ILE B 336 1.56 16.99 -0.73
C ILE B 336 2.78 17.89 -0.90
N LEU B 337 3.39 17.88 -2.08
CA LEU B 337 4.67 18.58 -2.27
C LEU B 337 4.57 20.08 -2.02
N GLU B 338 3.39 20.67 -2.19
CA GLU B 338 3.24 22.11 -1.92
C GLU B 338 3.12 22.43 -0.44
N LEU B 339 2.94 21.42 0.43
CA LEU B 339 2.84 21.69 1.86
C LEU B 339 4.18 22.17 2.41
N ALA B 340 4.09 22.98 3.47
CA ALA B 340 5.29 23.55 4.08
C ALA B 340 5.89 22.56 5.06
N THR B 341 7.19 22.31 4.92
CA THR B 341 7.89 21.40 5.80
C THR B 341 8.06 22.02 7.19
N GLU B 342 8.32 21.15 8.18
CA GLU B 342 8.38 21.60 9.57
C GLU B 342 9.46 22.65 9.78
N LYS B 343 10.62 22.48 9.14
CA LYS B 343 11.71 23.42 9.31
C LYS B 343 11.37 24.79 8.71
N GLU B 344 10.43 24.84 7.78
CA GLU B 344 10.04 26.11 7.17
C GLU B 344 9.15 26.93 8.09
N LEU B 345 8.30 26.28 8.89
CA LEU B 345 7.39 27.01 9.76
C LEU B 345 8.15 27.84 10.80
N ARG B 346 9.36 27.42 11.15
CA ARG B 346 10.15 28.19 12.09
C ARG B 346 10.53 29.54 11.51
N GLU B 347 10.44 30.59 12.33
CA GLU B 347 10.73 31.94 11.85
C GLU B 347 12.21 32.11 11.55
N ASP B 348 13.08 31.68 12.45
CA ASP B 348 14.52 31.79 12.30
C ASP B 348 15.18 30.92 13.35
N SER B 349 16.50 31.02 13.47
CA SER B 349 17.25 30.28 14.48
C SER B 349 18.41 31.15 14.96
N ASP B 350 18.89 30.83 16.15
CA ASP B 350 20.01 31.54 16.77
C ASP B 350 21.18 30.58 16.95
N ASP B 351 22.35 30.97 16.43
CA ASP B 351 23.55 30.14 16.56
C ASP B 351 24.17 30.24 17.95
N PHE B 352 23.87 31.30 18.71
CA PHE B 352 24.50 31.52 20.00
C PHE B 352 24.15 30.48 21.04
N VAL B 353 23.12 29.66 20.81
CA VAL B 353 22.72 28.63 21.76
C VAL B 353 23.41 27.32 21.39
N ILE B 354 24.00 26.67 22.39
CA ILE B 354 24.67 25.39 22.17
C ILE B 354 24.21 24.30 23.13
N SER B 355 23.66 24.64 24.30
CA SER B 355 23.20 23.66 25.26
C SER B 355 21.81 24.04 25.74
N LEU B 356 20.94 23.03 25.85
CA LEU B 356 19.56 23.25 26.29
C LEU B 356 19.40 23.16 27.80
N LYS B 357 20.47 22.89 28.54
CA LYS B 357 20.37 22.83 29.99
C LYS B 357 20.05 24.21 30.56
N GLY B 358 19.17 24.24 31.54
CA GLY B 358 18.76 25.48 32.17
C GLY B 358 17.35 25.35 32.72
N ASP B 359 16.71 26.49 32.88
CA ASP B 359 15.34 26.54 33.39
C ASP B 359 14.35 26.38 32.25
N ILE B 360 13.18 25.83 32.57
CA ILE B 360 12.08 25.70 31.64
C ILE B 360 10.94 26.56 32.16
N GLU B 361 10.67 27.66 31.46
CA GLU B 361 9.66 28.63 31.87
C GLU B 361 8.51 28.56 30.89
N PHE B 362 7.41 27.95 31.32
CA PHE B 362 6.16 27.95 30.56
C PHE B 362 5.40 29.20 30.95
N ARG B 363 5.58 30.26 30.15
CA ARG B 363 4.82 31.48 30.34
C ARG B 363 3.36 31.22 30.01
N ASN B 364 2.52 32.25 30.18
CA ASN B 364 1.09 32.09 30.00
C ASN B 364 0.79 31.55 28.61
N VAL B 365 0.35 30.30 28.54
CA VAL B 365 0.20 29.59 27.28
C VAL B 365 -1.18 28.92 27.25
N ASP B 366 -1.88 29.08 26.13
CA ASP B 366 -3.14 28.39 25.89
C ASP B 366 -3.05 27.67 24.56
N PHE B 367 -3.64 26.48 24.49
CA PHE B 367 -3.50 25.63 23.32
C PHE B 367 -4.86 25.05 22.94
N ARG B 368 -5.54 25.69 21.99
CA ARG B 368 -6.75 25.14 21.38
C ARG B 368 -6.31 23.99 20.49
N TYR B 369 -6.47 22.76 20.98
CA TYR B 369 -5.88 21.62 20.30
C TYR B 369 -6.67 21.29 19.04
N GLY B 370 -6.34 21.95 17.93
CA GLY B 370 -7.02 21.69 16.68
C GLY B 370 -8.49 22.05 16.67
N LEU B 371 -8.85 23.21 17.20
CA LEU B 371 -10.18 23.80 17.17
C LEU B 371 -11.20 23.03 18.01
N ARG B 372 -10.81 21.92 18.63
CA ARG B 372 -11.78 21.10 19.37
C ARG B 372 -12.10 21.71 20.73
N LYS B 373 -11.12 21.78 21.62
CA LYS B 373 -11.33 22.23 22.99
C LYS B 373 -10.04 22.83 23.51
N PRO B 374 -10.11 23.76 24.48
CA PRO B 374 -8.89 24.31 25.10
C PRO B 374 -8.33 23.40 26.19
N VAL B 375 -7.51 22.42 25.77
CA VAL B 375 -6.91 21.50 26.72
C VAL B 375 -5.94 22.23 27.65
N LEU B 376 -5.32 23.30 27.16
CA LEU B 376 -4.42 24.11 27.95
C LEU B 376 -4.86 25.57 27.90
N LYS B 377 -4.82 26.23 29.05
CA LYS B 377 -5.17 27.64 29.13
C LYS B 377 -4.55 28.25 30.38
N ASN B 378 -3.77 29.32 30.18
CA ASN B 378 -3.14 30.06 31.27
C ASN B 378 -2.30 29.15 32.15
N ILE B 379 -1.28 28.55 31.54
CA ILE B 379 -0.35 27.66 32.23
C ILE B 379 0.92 28.42 32.52
N ASN B 380 1.39 28.35 33.77
CA ASN B 380 2.62 29.00 34.20
C ASN B 380 3.48 27.99 34.95
N LEU B 381 4.58 27.57 34.34
CA LEU B 381 5.50 26.62 34.95
C LEU B 381 6.89 27.25 35.06
N THR B 382 7.60 26.92 36.12
CA THR B 382 8.92 27.48 36.40
C THR B 382 9.89 26.37 36.76
N ILE B 383 9.98 25.36 35.91
CA ILE B 383 10.88 24.23 36.19
C ILE B 383 12.30 24.75 36.34
N PRO B 384 13.00 24.44 37.43
CA PRO B 384 14.32 25.03 37.66
C PRO B 384 15.40 24.45 36.76
N LYS B 385 16.65 24.78 37.04
CA LYS B 385 17.79 24.26 36.29
C LYS B 385 17.89 22.75 36.48
N GLY B 386 18.91 22.12 35.90
CA GLY B 386 18.96 20.67 35.83
C GLY B 386 18.67 19.97 37.13
N LYS B 387 17.47 19.37 37.18
CA LYS B 387 16.93 18.68 38.34
C LYS B 387 15.97 17.61 37.83
N THR B 388 15.16 17.05 38.72
CA THR B 388 14.17 16.06 38.33
C THR B 388 12.83 16.41 38.97
N VAL B 389 11.81 16.64 38.13
CA VAL B 389 10.49 17.05 38.58
C VAL B 389 9.45 16.16 37.91
N ALA B 390 8.25 16.16 38.50
CA ALA B 390 7.15 15.34 38.01
C ALA B 390 5.94 16.21 37.74
N ILE B 391 5.17 15.80 36.72
CA ILE B 391 3.90 16.42 36.37
C ILE B 391 2.83 15.33 36.43
N VAL B 392 1.84 15.54 37.30
CA VAL B 392 0.81 14.53 37.55
C VAL B 392 -0.57 15.17 37.41
N GLY B 393 -1.57 14.32 37.22
CA GLY B 393 -2.94 14.78 37.10
C GLY B 393 -3.84 13.67 36.63
N GLU B 394 -5.09 14.03 36.43
CA GLU B 394 -6.07 13.08 35.91
C GLU B 394 -5.78 12.77 34.45
N SER B 395 -6.33 11.65 33.97
CA SER B 395 -6.07 11.23 32.60
C SER B 395 -6.95 11.97 31.60
N GLY B 396 -7.04 13.28 31.75
CA GLY B 396 -7.68 14.13 30.78
C GLY B 396 -6.95 15.46 30.67
N SER B 397 -5.86 15.58 31.43
CA SER B 397 -5.13 16.83 31.55
C SER B 397 -4.25 17.01 30.30
N GLY B 398 -3.36 17.99 30.34
CA GLY B 398 -2.50 18.26 29.21
C GLY B 398 -1.06 17.86 29.43
N LYS B 399 -0.84 16.70 30.06
CA LYS B 399 0.52 16.26 30.36
C LYS B 399 1.27 15.89 29.09
N THR B 400 0.75 14.93 28.33
CA THR B 400 1.39 14.55 27.07
C THR B 400 1.40 15.72 26.09
N THR B 401 0.35 16.54 26.10
CA THR B 401 0.33 17.74 25.26
C THR B 401 1.43 18.70 25.67
N LEU B 402 1.64 18.89 26.97
CA LEU B 402 2.72 19.75 27.43
C LEU B 402 4.08 19.21 27.00
N ALA B 403 4.28 17.89 27.13
CA ALA B 403 5.54 17.29 26.71
C ALA B 403 5.77 17.48 25.22
N LYS B 404 4.74 17.29 24.41
CA LYS B 404 4.88 17.48 22.96
C LYS B 404 5.11 18.94 22.61
N LEU B 405 4.54 19.86 23.38
CA LEU B 405 4.83 21.28 23.19
C LEU B 405 6.29 21.60 23.51
N LEU B 406 6.85 20.93 24.52
CA LEU B 406 8.25 21.15 24.87
C LEU B 406 9.20 20.76 23.74
N MET B 407 8.81 19.83 22.87
CA MET B 407 9.62 19.45 21.73
C MET B 407 9.15 20.12 20.44
N ASN B 408 8.21 21.04 20.51
CA ASN B 408 7.64 21.72 19.34
C ASN B 408 7.05 20.74 18.34
N PHE B 409 6.47 19.63 18.83
CA PHE B 409 5.64 18.81 17.95
C PHE B 409 4.38 19.57 17.54
N TYR B 410 3.99 20.57 18.34
CA TYR B 410 2.88 21.45 18.02
C TYR B 410 3.28 22.87 18.41
N SER B 411 2.73 23.85 17.69
CA SER B 411 3.06 25.25 17.93
C SER B 411 2.09 25.85 18.93
N PRO B 412 2.56 26.41 20.05
CA PRO B 412 1.64 27.03 21.00
C PRO B 412 0.89 28.19 20.37
N GLU B 413 -0.39 28.33 20.75
CA GLU B 413 -1.23 29.37 20.17
C GLU B 413 -0.81 30.75 20.63
N LYS B 414 -0.60 30.92 21.93
CA LYS B 414 -0.23 32.22 22.49
C LYS B 414 0.65 31.98 23.71
N GLY B 415 1.88 32.48 23.66
CA GLY B 415 2.86 32.31 24.70
C GLY B 415 4.15 31.78 24.14
N ASP B 416 5.08 31.44 25.03
CA ASP B 416 6.37 30.92 24.62
C ASP B 416 6.92 30.03 25.72
N ILE B 417 7.79 29.10 25.33
CA ILE B 417 8.45 28.22 26.29
C ILE B 417 9.90 28.64 26.42
N LEU B 418 10.18 29.51 27.39
CA LEU B 418 11.54 30.03 27.56
C LEU B 418 12.46 28.93 28.09
N ILE B 419 13.64 28.82 27.50
CA ILE B 419 14.64 27.84 27.93
C ILE B 419 15.96 28.56 28.12
N ASN B 420 16.42 28.64 29.37
CA ASN B 420 17.69 29.25 29.72
C ASN B 420 17.81 30.67 29.17
N GLY B 421 16.72 31.42 29.26
CA GLY B 421 16.69 32.77 28.74
C GLY B 421 16.51 32.88 27.24
N HIS B 422 16.20 31.78 26.56
CA HIS B 422 15.97 31.78 25.12
C HIS B 422 14.62 31.16 24.83
N SER B 423 13.81 31.86 24.02
CA SER B 423 12.51 31.33 23.63
C SER B 423 12.68 30.10 22.75
N ILE B 424 11.78 29.14 22.91
CA ILE B 424 11.89 27.89 22.17
C ILE B 424 11.69 28.10 20.67
N LYS B 425 10.99 29.16 20.26
CA LYS B 425 10.76 29.39 18.85
C LYS B 425 12.02 29.81 18.12
N ASN B 426 12.97 30.43 18.83
CA ASN B 426 14.20 30.94 18.24
C ASN B 426 15.39 30.02 18.46
N ILE B 427 15.16 28.71 18.46
CA ILE B 427 16.21 27.71 18.63
C ILE B 427 16.15 26.75 17.46
N SER B 428 17.32 26.35 16.97
CA SER B 428 17.39 25.41 15.85
C SER B 428 16.70 24.10 16.20
N LEU B 429 15.92 23.59 15.25
CA LEU B 429 15.08 22.42 15.51
C LEU B 429 15.90 21.18 15.82
N GLU B 430 17.00 20.97 15.08
CA GLU B 430 17.79 19.75 15.28
C GLU B 430 18.44 19.72 16.66
N LEU B 431 18.84 20.88 17.19
CA LEU B 431 19.39 20.92 18.54
C LEU B 431 18.34 20.52 19.56
N ILE B 432 17.11 21.00 19.41
CA ILE B 432 16.03 20.65 20.32
C ILE B 432 15.75 19.15 20.24
N ARG B 433 15.70 18.60 19.03
CA ARG B 433 15.43 17.18 18.87
C ARG B 433 16.55 16.33 19.47
N LYS B 434 17.80 16.75 19.29
CA LYS B 434 18.93 15.95 19.75
C LYS B 434 19.14 16.03 21.25
N LYS B 435 18.83 17.16 21.88
CA LYS B 435 19.10 17.36 23.29
C LYS B 435 17.92 17.01 24.19
N ILE B 436 16.81 16.56 23.63
CA ILE B 436 15.63 16.20 24.41
C ILE B 436 15.24 14.77 24.06
N ALA B 437 15.14 13.92 25.07
CA ALA B 437 14.76 12.52 24.89
C ALA B 437 13.33 12.33 25.36
N PHE B 438 12.52 11.64 24.54
CA PHE B 438 11.11 11.45 24.80
C PHE B 438 10.83 9.95 24.81
N VAL B 439 10.27 9.45 25.91
CA VAL B 439 9.82 8.07 26.01
C VAL B 439 8.31 8.10 25.81
N SER B 440 7.88 7.98 24.56
CA SER B 440 6.47 8.07 24.25
C SER B 440 5.69 6.89 24.83
N GLN B 441 4.43 7.14 25.14
CA GLN B 441 3.57 6.06 25.62
C GLN B 441 3.34 5.02 24.53
N ASP B 442 3.35 5.43 23.26
CA ASP B 442 3.25 4.51 22.14
C ASP B 442 4.64 4.03 21.72
N VAL B 443 5.21 3.19 22.56
CA VAL B 443 6.57 2.70 22.34
C VAL B 443 6.62 1.93 21.02
N PHE B 444 7.41 2.44 20.09
CA PHE B 444 7.54 1.86 18.76
C PHE B 444 8.94 1.26 18.60
N ILE B 445 8.99 0.00 18.20
CA ILE B 445 10.25 -0.71 17.99
C ILE B 445 10.30 -1.11 16.51
N PHE B 446 11.27 -0.57 15.79
CA PHE B 446 11.41 -0.84 14.37
C PHE B 446 12.01 -2.21 14.12
N SER B 447 11.62 -2.81 13.00
CA SER B 447 12.13 -4.12 12.65
C SER B 447 13.62 -4.05 12.34
N GLY B 448 14.36 -5.06 12.77
CA GLY B 448 15.77 -5.15 12.53
C GLY B 448 16.51 -5.60 13.77
N THR B 449 17.82 -5.38 13.77
CA THR B 449 18.66 -5.76 14.89
C THR B 449 18.33 -4.91 16.10
N VAL B 450 18.42 -5.51 17.29
CA VAL B 450 18.17 -4.76 18.53
C VAL B 450 19.16 -3.62 18.68
N LYS B 451 20.40 -3.80 18.22
CA LYS B 451 21.37 -2.71 18.23
C LYS B 451 20.84 -1.52 17.43
N GLU B 452 20.25 -1.79 16.26
CA GLU B 452 19.61 -0.72 15.50
C GLU B 452 18.46 -0.11 16.27
N ASN B 453 17.70 -0.94 16.99
CA ASN B 453 16.58 -0.43 17.79
C ASN B 453 17.04 0.42 18.96
N LEU B 454 18.31 0.30 19.37
CA LEU B 454 18.88 1.23 20.33
C LEU B 454 19.73 2.31 19.69
N ALA B 455 19.86 2.32 18.37
CA ALA B 455 20.65 3.32 17.66
C ALA B 455 19.82 4.01 16.59
N LEU B 456 18.61 4.45 16.95
CA LEU B 456 17.80 5.20 16.00
C LEU B 456 18.41 6.53 15.63
N GLY B 457 19.10 7.18 16.57
CA GLY B 457 19.62 8.51 16.32
C GLY B 457 21.05 8.49 15.81
N ASN B 458 21.99 8.84 16.67
CA ASN B 458 23.39 8.78 16.29
C ASN B 458 23.83 7.35 15.97
N GLU B 459 24.71 7.22 14.98
CA GLU B 459 25.19 5.92 14.54
C GLU B 459 26.60 5.61 15.01
N ASN B 460 27.46 6.62 15.13
CA ASN B 460 28.86 6.43 15.54
C ASN B 460 28.92 6.24 17.06
N VAL B 461 28.37 5.12 17.51
CA VAL B 461 28.30 4.79 18.93
C VAL B 461 28.99 3.44 19.13
N ASP B 462 29.92 3.39 20.08
CA ASP B 462 30.57 2.15 20.43
C ASP B 462 29.59 1.24 21.17
N MET B 463 29.91 -0.06 21.18
CA MET B 463 29.03 -1.03 21.81
C MET B 463 29.04 -0.95 23.33
N ASP B 464 30.08 -0.34 23.92
CA ASP B 464 30.12 -0.20 25.37
C ASP B 464 29.04 0.75 25.88
N GLU B 465 28.79 1.84 25.15
CA GLU B 465 27.73 2.76 25.57
C GLU B 465 26.37 2.10 25.52
N ILE B 466 26.14 1.25 24.51
CA ILE B 466 24.85 0.58 24.38
C ILE B 466 24.61 -0.34 25.58
N ILE B 467 25.62 -1.14 25.95
CA ILE B 467 25.44 -2.03 27.09
C ILE B 467 25.33 -1.24 28.38
N LYS B 468 26.05 -0.12 28.50
CA LYS B 468 25.91 0.72 29.69
C LYS B 468 24.48 1.25 29.82
N ALA B 469 23.91 1.73 28.72
CA ALA B 469 22.54 2.23 28.74
C ALA B 469 21.55 1.11 29.04
N ALA B 470 21.77 -0.08 28.48
CA ALA B 470 20.90 -1.20 28.77
C ALA B 470 20.96 -1.59 30.24
N LYS B 471 22.16 -1.58 30.83
CA LYS B 471 22.29 -1.86 32.25
C LYS B 471 21.59 -0.79 33.08
N MET B 472 21.69 0.48 32.66
CA MET B 472 21.03 1.55 33.39
C MET B 472 19.51 1.38 33.39
N ALA B 473 18.94 1.01 32.24
CA ALA B 473 17.50 0.84 32.11
C ALA B 473 17.05 -0.57 32.48
N ASN B 474 17.90 -1.34 33.17
CA ASN B 474 17.57 -2.70 33.60
C ASN B 474 17.13 -3.54 32.42
N ALA B 475 17.87 -3.44 31.31
CA ALA B 475 17.57 -4.19 30.09
C ALA B 475 18.64 -5.21 29.74
N HIS B 476 19.84 -5.10 30.31
CA HIS B 476 20.91 -6.04 29.98
C HIS B 476 20.56 -7.47 30.38
N ASP B 477 19.92 -7.62 31.54
CA ASP B 477 19.67 -8.96 32.06
C ASP B 477 18.76 -9.77 31.14
N PHE B 478 17.63 -9.18 30.72
CA PHE B 478 16.71 -9.92 29.87
C PHE B 478 17.19 -9.98 28.43
N ILE B 479 18.01 -9.02 28.01
CA ILE B 479 18.52 -9.04 26.64
C ILE B 479 19.63 -10.06 26.49
N GLU B 480 20.35 -10.37 27.57
CA GLU B 480 21.37 -11.41 27.52
C GLU B 480 20.80 -12.77 27.90
N LYS B 481 19.67 -13.08 27.28
CA LYS B 481 19.08 -14.40 27.27
C LYS B 481 18.54 -14.74 25.89
N LEU B 482 18.68 -13.84 24.92
CA LEU B 482 18.14 -14.03 23.60
C LEU B 482 19.00 -15.04 22.83
N PRO B 483 18.45 -15.65 21.78
CA PRO B 483 19.23 -16.65 21.04
C PRO B 483 20.50 -16.10 20.40
N LEU B 484 20.58 -14.80 20.13
CA LEU B 484 21.74 -14.27 19.44
C LEU B 484 22.18 -12.93 20.04
N LYS B 485 21.95 -12.74 21.34
CA LYS B 485 22.42 -11.56 22.09
C LYS B 485 21.84 -10.29 21.44
N TYR B 486 22.62 -9.22 21.28
CA TYR B 486 22.11 -7.99 20.70
C TYR B 486 22.09 -8.08 19.18
N ASP B 487 21.56 -9.17 18.65
CA ASP B 487 21.45 -9.32 17.20
C ASP B 487 20.15 -9.96 16.75
N THR B 488 19.22 -10.22 17.67
CA THR B 488 17.95 -10.83 17.30
C THR B 488 17.14 -9.86 16.44
N PHE B 489 16.54 -10.39 15.39
CA PHE B 489 15.72 -9.59 14.47
C PHE B 489 14.30 -9.55 15.02
N LEU B 490 13.94 -8.42 15.61
CA LEU B 490 12.59 -8.23 16.12
C LEU B 490 11.64 -7.92 14.98
N ASN B 491 10.41 -8.43 15.08
CA ASN B 491 9.43 -8.23 14.02
C ASN B 491 8.94 -6.79 14.02
N GLU B 492 7.99 -6.50 13.14
CA GLU B 492 7.48 -5.14 13.01
C GLU B 492 6.74 -4.73 14.29
N SER B 493 6.88 -3.46 14.65
CA SER B 493 6.28 -2.87 15.84
C SER B 493 6.72 -3.57 17.12
N GLY B 494 7.85 -4.27 17.07
CA GLY B 494 8.37 -4.95 18.25
C GLY B 494 7.47 -6.02 18.81
N ALA B 495 6.73 -6.72 17.95
CA ALA B 495 5.90 -7.82 18.39
C ALA B 495 6.71 -9.00 18.89
N ASN B 496 8.01 -9.02 18.62
CA ASN B 496 8.91 -10.06 19.09
C ASN B 496 9.07 -10.07 20.60
N LEU B 497 8.85 -8.93 21.27
CA LEU B 497 9.00 -8.81 22.71
C LEU B 497 7.66 -8.42 23.33
N SER B 498 7.66 -8.21 24.64
CA SER B 498 6.47 -7.76 25.34
C SER B 498 6.39 -6.24 25.34
N GLU B 499 5.24 -5.72 25.80
CA GLU B 499 5.09 -4.27 25.92
C GLU B 499 6.03 -3.71 26.98
N GLY B 500 6.21 -4.44 28.08
CA GLY B 500 7.15 -3.99 29.11
C GLY B 500 8.58 -4.00 28.63
N GLN B 501 8.98 -5.06 27.91
CA GLN B 501 10.32 -5.11 27.35
C GLN B 501 10.52 -4.03 26.29
N LYS B 502 9.48 -3.74 25.52
CA LYS B 502 9.57 -2.62 24.57
C LYS B 502 9.78 -1.30 25.30
N GLN B 503 9.07 -1.09 26.41
CA GLN B 503 9.28 0.13 27.18
C GLN B 503 10.69 0.21 27.75
N ARG B 504 11.22 -0.92 28.23
CA ARG B 504 12.58 -0.94 28.73
C ARG B 504 13.57 -0.62 27.61
N LEU B 505 13.33 -1.15 26.41
CA LEU B 505 14.17 -0.82 25.27
C LEU B 505 14.11 0.67 24.96
N ALA B 506 12.91 1.25 24.99
CA ALA B 506 12.77 2.68 24.74
C ALA B 506 13.50 3.51 25.78
N ILE B 507 13.41 3.11 27.06
CA ILE B 507 14.12 3.82 28.11
C ILE B 507 15.63 3.73 27.88
N ALA B 508 16.12 2.54 27.52
CA ALA B 508 17.55 2.37 27.27
C ALA B 508 18.00 3.25 26.11
N ARG B 509 17.21 3.29 25.03
CA ARG B 509 17.57 4.11 23.87
C ARG B 509 17.58 5.60 24.23
N ALA B 510 16.56 6.05 24.97
CA ALA B 510 16.52 7.46 25.37
C ALA B 510 17.70 7.81 26.25
N LEU B 511 18.06 6.92 27.18
CA LEU B 511 19.23 7.17 28.02
C LEU B 511 20.50 7.18 27.19
N LEU B 512 20.60 6.30 26.18
CA LEU B 512 21.76 6.29 25.31
C LEU B 512 21.88 7.58 24.50
N LYS B 513 20.75 8.23 24.22
CA LYS B 513 20.80 9.49 23.49
C LYS B 513 21.58 10.57 24.23
N LYS B 514 21.77 10.42 25.54
CA LYS B 514 22.47 11.37 26.40
C LYS B 514 21.82 12.74 26.31
N PRO B 515 20.61 12.90 26.84
CA PRO B 515 19.88 14.15 26.68
C PRO B 515 20.18 15.17 27.77
N ASP B 516 19.50 16.32 27.69
CA ASP B 516 19.54 17.32 28.74
C ASP B 516 18.17 17.58 29.37
N ILE B 517 17.09 17.37 28.63
CA ILE B 517 15.74 17.69 29.09
C ILE B 517 14.91 16.41 29.05
N LEU B 518 15.53 15.28 29.35
CA LEU B 518 14.91 13.96 29.31
C LEU B 518 13.50 13.97 29.90
N ILE B 519 12.53 13.53 29.11
CA ILE B 519 11.13 13.50 29.51
C ILE B 519 10.72 12.04 29.62
N LEU B 520 10.48 11.58 30.84
CA LEU B 520 10.04 10.21 31.08
C LEU B 520 8.52 10.20 31.13
N ASP B 521 7.90 10.04 29.96
CA ASP B 521 6.44 10.06 29.84
C ASP B 521 5.90 8.68 30.15
N GLU B 522 5.68 8.41 31.43
CA GLU B 522 5.11 7.14 31.89
C GLU B 522 5.93 5.97 31.36
N ALA B 523 7.24 6.05 31.56
CA ALA B 523 8.17 5.04 31.03
C ALA B 523 8.02 3.70 31.73
N THR B 524 7.39 3.66 32.91
CA THR B 524 7.21 2.44 33.68
C THR B 524 5.74 2.05 33.75
N SER B 525 5.05 2.14 32.61
CA SER B 525 3.61 1.88 32.57
C SER B 525 3.29 0.48 33.08
N ASN B 526 3.94 -0.53 32.54
CA ASN B 526 3.66 -1.93 32.85
C ASN B 526 4.95 -2.68 33.17
N LEU B 527 5.78 -2.08 34.01
CA LEU B 527 6.97 -2.73 34.53
C LEU B 527 6.75 -3.10 36.00
N ASP B 528 7.18 -4.29 36.37
CA ASP B 528 6.98 -4.75 37.74
C ASP B 528 7.76 -3.87 38.71
N SER B 529 7.37 -3.94 39.98
CA SER B 529 7.94 -3.06 40.99
C SER B 529 9.44 -3.28 41.15
N ILE B 530 9.93 -4.49 40.84
CA ILE B 530 11.38 -4.72 40.86
C ILE B 530 12.07 -3.84 39.85
N THR B 531 11.75 -4.02 38.56
CA THR B 531 12.34 -3.21 37.51
C THR B 531 11.99 -1.73 37.68
N GLU B 532 10.80 -1.43 38.18
CA GLU B 532 10.44 -0.04 38.43
C GLU B 532 11.37 0.60 39.45
N ASN B 533 11.63 -0.10 40.56
CA ASN B 533 12.53 0.43 41.57
C ASN B 533 13.95 0.56 41.02
N HIS B 534 14.39 -0.42 40.22
CA HIS B 534 15.72 -0.33 39.64
C HIS B 534 15.85 0.86 38.70
N ILE B 535 14.85 1.10 37.87
CA ILE B 535 14.89 2.24 36.95
C ILE B 535 14.82 3.54 37.71
N LYS B 536 14.00 3.61 38.76
CA LYS B 536 13.91 4.81 39.57
C LYS B 536 15.24 5.12 40.23
N ASP B 537 15.90 4.09 40.77
CA ASP B 537 17.22 4.29 41.37
C ASP B 537 18.24 4.75 40.33
N ALA B 538 18.19 4.16 39.14
CA ALA B 538 19.12 4.57 38.07
C ALA B 538 18.91 6.02 37.68
N ILE B 539 17.64 6.44 37.54
CA ILE B 539 17.34 7.81 37.19
C ILE B 539 17.77 8.77 38.30
N TYR B 540 17.51 8.41 39.55
CA TYR B 540 17.90 9.27 40.66
C TYR B 540 19.41 9.40 40.76
N GLY B 541 20.14 8.33 40.51
CA GLY B 541 21.58 8.35 40.54
C GLY B 541 22.26 8.82 39.28
N LEU B 542 21.49 9.26 38.28
CA LEU B 542 22.08 9.72 37.02
C LEU B 542 23.00 10.91 37.26
N GLU B 543 22.43 12.03 37.71
CA GLU B 543 23.17 13.20 38.18
C GLU B 543 24.20 13.67 37.16
N ASP B 544 23.69 14.11 36.01
CA ASP B 544 24.53 14.67 34.96
C ASP B 544 23.97 16.00 34.45
N ASP B 545 23.44 16.81 35.36
CA ASP B 545 22.84 18.11 35.02
C ASP B 545 21.75 17.94 33.96
N VAL B 546 20.91 16.91 34.13
CA VAL B 546 19.85 16.58 33.18
C VAL B 546 18.53 16.96 33.83
N THR B 547 17.75 17.80 33.14
CA THR B 547 16.43 18.20 33.62
C THR B 547 15.46 17.08 33.31
N VAL B 548 15.07 16.33 34.34
CA VAL B 548 14.23 15.14 34.17
C VAL B 548 12.78 15.53 34.48
N ILE B 549 11.89 15.28 33.52
CA ILE B 549 10.46 15.48 33.70
C ILE B 549 9.80 14.13 33.62
N ILE B 550 9.14 13.71 34.70
CA ILE B 550 8.54 12.39 34.81
C ILE B 550 7.03 12.59 34.89
N ILE B 551 6.35 12.34 33.77
CA ILE B 551 4.89 12.35 33.73
C ILE B 551 4.43 10.96 34.11
N ALA B 552 3.99 10.79 35.35
CA ALA B 552 3.66 9.48 35.88
C ALA B 552 2.32 9.51 36.59
N HIS B 553 1.61 8.39 36.51
CA HIS B 553 0.40 8.19 37.31
C HIS B 553 0.66 7.43 38.59
N ARG B 554 1.81 6.77 38.70
CA ARG B 554 2.18 6.05 39.91
C ARG B 554 2.87 7.04 40.84
N LEU B 555 2.20 7.40 41.94
CA LEU B 555 2.80 8.34 42.88
C LEU B 555 3.94 7.70 43.68
N SER B 556 4.01 6.37 43.72
CA SER B 556 5.05 5.69 44.50
C SER B 556 6.44 5.98 43.96
N THR B 557 6.57 6.36 42.70
CA THR B 557 7.84 6.72 42.10
C THR B 557 8.16 8.20 42.20
N ILE B 558 7.35 8.95 42.96
CA ILE B 558 7.48 10.40 43.03
C ILE B 558 7.56 10.89 44.47
N VAL B 559 7.42 10.01 45.46
CA VAL B 559 7.25 10.41 46.85
C VAL B 559 8.41 11.28 47.34
N ASN B 560 9.58 11.17 46.74
CA ASN B 560 10.75 11.96 47.11
C ASN B 560 11.35 12.62 45.87
N LEU B 561 10.50 13.22 45.05
CA LEU B 561 10.90 13.74 43.74
C LEU B 561 10.62 15.23 43.68
N ASP B 562 11.57 16.02 44.21
CA ASP B 562 11.58 17.48 44.17
C ASP B 562 10.20 18.12 44.23
N LYS B 563 9.85 18.87 43.18
CA LYS B 563 8.58 19.57 43.10
C LYS B 563 7.61 18.82 42.21
N ILE B 564 6.36 18.74 42.64
CA ILE B 564 5.31 18.03 41.91
C ILE B 564 4.34 19.06 41.35
N TYR B 565 4.09 18.99 40.04
CA TYR B 565 3.17 19.91 39.38
C TYR B 565 1.87 19.16 39.10
N LEU B 566 0.81 19.55 39.80
CA LEU B 566 -0.51 18.99 39.58
C LEU B 566 -1.23 19.82 38.52
N LEU B 567 -1.60 19.17 37.42
CA LEU B 567 -2.23 19.84 36.29
C LEU B 567 -3.60 19.19 36.06
N LYS B 568 -4.66 19.98 36.16
CA LYS B 568 -6.00 19.51 35.86
C LYS B 568 -6.76 20.58 35.10
N ASP B 569 -7.51 20.16 34.08
CA ASP B 569 -8.28 21.07 33.23
C ASP B 569 -7.40 22.16 32.62
N GLY B 570 -6.14 21.83 32.35
CA GLY B 570 -5.22 22.80 31.78
C GLY B 570 -4.79 23.90 32.71
N GLU B 571 -4.85 23.67 34.03
CA GLU B 571 -4.40 24.64 35.00
C GLU B 571 -3.53 23.96 36.05
N ILE B 572 -2.56 24.70 36.57
CA ILE B 572 -1.74 24.24 37.68
C ILE B 572 -2.46 24.69 38.95
N VAL B 573 -3.36 23.85 39.45
CA VAL B 573 -4.18 24.21 40.61
C VAL B 573 -3.31 24.38 41.85
N GLU B 574 -2.39 23.46 42.10
CA GLU B 574 -1.37 23.67 43.12
C GLU B 574 -0.15 22.83 42.76
N SER B 575 0.97 23.16 43.40
CA SER B 575 2.22 22.44 43.18
C SER B 575 3.01 22.42 44.49
N GLY B 576 4.26 22.02 44.41
CA GLY B 576 5.15 21.93 45.56
C GLY B 576 5.76 20.55 45.68
N SER B 577 6.35 20.31 46.85
CA SER B 577 6.94 19.01 47.14
C SER B 577 5.88 18.03 47.64
N HIS B 578 6.29 16.78 47.82
CA HIS B 578 5.37 15.75 48.30
C HIS B 578 4.89 16.07 49.71
N THR B 579 5.81 16.46 50.60
CA THR B 579 5.42 16.84 51.95
C THR B 579 4.56 18.10 51.94
N GLU B 580 4.93 19.08 51.10
CA GLU B 580 4.14 20.29 50.98
C GLU B 580 2.73 20.00 50.48
N LEU B 581 2.62 19.13 49.47
CA LEU B 581 1.29 18.79 48.95
C LEU B 581 0.48 18.02 49.98
N ILE B 582 1.13 17.14 50.75
CA ILE B 582 0.42 16.41 51.80
C ILE B 582 -0.09 17.38 52.86
N ALA B 583 0.73 18.35 53.25
CA ALA B 583 0.30 19.34 54.24
C ALA B 583 -0.81 20.21 53.70
N LEU B 584 -0.76 20.55 52.42
CA LEU B 584 -1.78 21.42 51.83
C LEU B 584 -3.16 20.76 51.81
N LYS B 585 -3.21 19.43 51.69
CA LYS B 585 -4.45 18.67 51.69
C LYS B 585 -5.35 19.08 50.52
N GLY B 586 -4.79 18.97 49.32
CA GLY B 586 -5.48 19.24 48.09
C GLY B 586 -5.92 17.99 47.38
N ALA B 587 -6.02 18.07 46.05
CA ALA B 587 -6.37 16.89 45.26
C ALA B 587 -5.28 15.83 45.31
N TYR B 588 -4.01 16.25 45.40
CA TYR B 588 -2.92 15.30 45.49
C TYR B 588 -3.05 14.46 46.76
N PHE B 589 -3.45 15.08 47.87
CA PHE B 589 -3.65 14.33 49.10
C PHE B 589 -4.74 13.28 48.94
N LYS B 590 -5.84 13.64 48.26
CA LYS B 590 -6.92 12.69 48.05
C LYS B 590 -6.45 11.52 47.18
N MET B 591 -5.71 11.81 46.12
CA MET B 591 -5.20 10.73 45.28
C MET B 591 -4.23 9.84 46.03
N TRP B 592 -3.37 10.43 46.86
CA TRP B 592 -2.44 9.64 47.66
C TRP B 592 -3.18 8.75 48.64
N LYS B 593 -4.22 9.28 49.29
CA LYS B 593 -5.00 8.47 50.23
C LYS B 593 -5.72 7.34 49.51
N GLN B 594 -6.28 7.61 48.33
CA GLN B 594 -6.99 6.57 47.59
C GLN B 594 -6.04 5.49 47.11
N THR B 595 -4.85 5.87 46.64
CA THR B 595 -3.88 4.88 46.19
C THR B 595 -3.41 4.01 47.35
N GLU B 596 -3.14 4.62 48.49
CA GLU B 596 -2.70 3.87 49.67
C GLU B 596 -3.85 3.09 50.29
PG ATP C . 4.30 -7.26 30.15
O1G ATP C . 3.67 -6.37 29.12
O2G ATP C . 3.67 -7.14 31.54
O3G ATP C . 5.82 -7.08 30.27
PB ATP C . 3.33 -10.08 30.24
O1B ATP C . 3.70 -10.44 31.63
O2B ATP C . 1.84 -9.83 30.00
O3B ATP C . 4.10 -8.79 29.75
PA ATP C . 4.99 -11.31 28.15
O1A ATP C . 6.23 -10.68 28.68
O2A ATP C . 4.48 -10.76 26.81
O3A ATP C . 3.82 -11.17 29.19
O5' ATP C . 5.21 -12.87 28.00
C5' ATP C . 5.69 -13.43 26.76
C4' ATP C . 7.11 -13.91 26.92
O4' ATP C . 7.60 -14.39 25.64
C3' ATP C . 8.13 -12.85 27.31
O3' ATP C . 9.29 -13.45 27.90
C2' ATP C . 8.46 -12.19 25.97
O2' ATP C . 9.81 -11.73 25.92
C1' ATP C . 8.26 -13.33 24.96
N9 ATP C . 7.45 -12.96 23.80
C8 ATP C . 6.43 -12.05 23.77
N7 ATP C . 5.87 -11.90 22.59
C5 ATP C . 6.59 -12.78 21.79
C6 ATP C . 6.50 -13.11 20.42
N6 ATP C . 5.60 -12.56 19.58
N1 ATP C . 7.35 -14.03 19.93
C2 ATP C . 8.24 -14.58 20.75
N3 ATP C . 8.42 -14.35 22.06
C4 ATP C . 7.56 -13.44 22.51
MG MG D . 2.26 -8.03 29.26
PB ADP E . -2.86 13.50 28.66
O1B ADP E . -4.36 13.55 28.84
O2B ADP E . -2.19 12.36 29.38
O3B ADP E . -2.15 14.82 28.85
PA ADP E . -2.93 14.19 25.90
O1A ADP E . -2.49 13.49 24.62
O2A ADP E . -2.34 15.53 26.23
O3A ADP E . -2.66 13.14 27.10
O5' ADP E . -4.52 14.35 25.81
C5' ADP E . -5.18 15.44 26.46
C4' ADP E . -6.49 15.75 25.76
O4' ADP E . -6.23 16.14 24.41
C3' ADP E . -7.40 14.53 25.71
O3' ADP E . -8.53 14.73 26.55
C2' ADP E . -7.86 14.41 24.27
O2' ADP E . -9.28 14.57 24.21
C1' ADP E . -7.17 15.53 23.52
N9 ADP E . -6.47 14.98 22.33
C8 ADP E . -5.40 14.18 22.35
N7 ADP E . -5.01 13.84 21.10
C5 ADP E . -5.86 14.44 20.24
C6 ADP E . -6.02 14.50 18.78
N6 ADP E . -5.18 13.85 17.95
N1 ADP E . -7.04 15.24 18.28
C2 ADP E . -7.90 15.89 19.10
N3 ADP E . -7.80 15.88 20.44
C4 ADP E . -6.82 15.18 21.06
V VO4 F . -2.86 9.73 30.14
O1 VO4 F . -1.11 9.75 29.37
O2 VO4 F . -2.91 10.90 31.64
O3 VO4 F . -3.28 7.95 30.70
O4 VO4 F . -4.16 10.31 28.86
MG MG G . -2.37 10.77 28.31
#